data_6SKQ
#
_entry.id   6SKQ
#
_cell.length_a   68.137
_cell.length_b   82.437
_cell.length_c   99.004
_cell.angle_alpha   90.000
_cell.angle_beta   97.007
_cell.angle_gamma   90.000
#
_symmetry.space_group_name_H-M   'P 1 21 1'
#
loop_
_entity.id
_entity.type
_entity.pdbx_description
1 polymer Beta-lactamase
2 non-polymer '(4R,5S)-3-{[(3S,5S)-5-(dimethylcarbamoyl)pyrrolidin-3-yl]sulfanyl}-5-[(2S,3R)-3-hydroxy-1-oxobutan-2-yl]-4-methyl-4,5-d ihydro-1H-pyrrole-2-carboxylic acid'
3 non-polymer 'SULFATE ION'
4 water water
#
_entity_poly.entity_id   1
_entity_poly.type   'polypeptide(L)'
_entity_poly.pdbx_seq_one_letter_code
;MKTFAAYVIIACLSSTALAGSITENMSWNKEFSAEAVNGVFVLCKSSSKSCATNDLARASKEYLPASTF(KCX)IPNAII
GLETGVIKNEHQVFKWDGKPRAMKQWERDLTLRGAIQVSALPVFQQIAREVGEVRMQKYLKKFSYGNQNISGGIDKFWLE
GQLRISAVNQVEFLESLYLNKLSASKENQLIVKEALVTEAAPEYLVHSKTGFSGVGTESNPGVAWWVGWVEKETEVYFFA
FNMDIDNESKLPLRKSIPTKIMESEGIIGG
;
_entity_poly.pdbx_strand_id   A,B,C,D
#
loop_
_chem_comp.id
_chem_comp.type
_chem_comp.name
_chem_comp.formula
MER non-polymer '(4R,5S)-3-{[(3S,5S)-5-(dimethylcarbamoyl)pyrrolidin-3-yl]sulfanyl}-5-[(2S,3R)-3-hydroxy-1-oxobutan-2-yl]-4-methyl-4,5-d ihydro-1H-pyrrole-2-carboxylic acid' 'C17 H27 N3 O5 S'
SO4 non-polymer 'SULFATE ION' 'O4 S -2'
#
# COMPACT_ATOMS: atom_id res chain seq x y z
N SER A 21 11.42 41.30 -5.74
CA SER A 21 12.77 41.76 -5.46
C SER A 21 13.10 41.61 -3.98
N ILE A 22 14.30 42.00 -3.59
CA ILE A 22 14.76 41.85 -2.21
C ILE A 22 15.48 43.13 -1.79
N THR A 23 15.28 43.52 -0.53
CA THR A 23 15.80 44.78 0.00
C THR A 23 16.77 44.50 1.13
N GLU A 24 17.84 45.28 1.19
CA GLU A 24 18.83 45.17 2.26
C GLU A 24 18.47 46.16 3.36
N ASN A 25 18.21 45.65 4.56
CA ASN A 25 17.92 46.46 5.74
C ASN A 25 19.14 46.35 6.66
N MET A 26 20.01 47.36 6.60
CA MET A 26 21.23 47.32 7.42
C MET A 26 20.93 47.56 8.89
N SER A 27 19.75 48.11 9.22
CA SER A 27 19.36 48.26 10.62
C SER A 27 19.33 46.91 11.34
N TRP A 28 19.03 45.83 10.62
CA TRP A 28 18.91 44.51 11.25
C TRP A 28 20.24 43.99 11.76
N ASN A 29 21.37 44.52 11.27
CA ASN A 29 22.67 44.05 11.71
C ASN A 29 22.93 44.36 13.19
N LYS A 30 22.13 45.22 13.82
CA LYS A 30 22.32 45.49 15.23
C LYS A 30 22.14 44.23 16.06
N GLU A 31 21.11 43.42 15.74
CA GLU A 31 20.86 42.20 16.47
C GLU A 31 21.98 41.18 16.30
N PHE A 32 22.74 41.28 15.20
CA PHE A 32 23.87 40.39 14.98
C PHE A 32 25.11 40.87 15.71
N SER A 33 25.40 42.16 15.61
CA SER A 33 26.61 42.70 16.22
C SER A 33 26.58 42.58 17.73
N ALA A 34 25.40 42.69 18.34
CA ALA A 34 25.30 42.61 19.79
C ALA A 34 25.83 41.28 20.31
N GLU A 35 25.76 40.23 19.49
CA GLU A 35 26.22 38.91 19.89
C GLU A 35 27.41 38.42 19.06
N ALA A 36 28.00 39.30 18.26
CA ALA A 36 29.14 38.96 17.42
C ALA A 36 28.85 37.72 16.58
N VAL A 37 27.71 37.74 15.90
CA VAL A 37 27.27 36.64 15.05
C VAL A 37 27.45 37.03 13.60
N ASN A 38 28.02 36.12 12.82
CA ASN A 38 28.09 36.25 11.36
C ASN A 38 26.96 35.40 10.80
N GLY A 39 25.89 36.05 10.36
CA GLY A 39 24.74 35.33 9.84
C GLY A 39 23.90 36.19 8.93
N VAL A 40 22.75 35.63 8.54
CA VAL A 40 21.84 36.32 7.64
C VAL A 40 20.42 35.92 7.97
N PHE A 41 19.51 36.88 7.89
CA PHE A 41 18.08 36.65 8.02
C PHE A 41 17.39 37.13 6.76
N VAL A 42 16.54 36.29 6.19
CA VAL A 42 15.72 36.63 5.03
C VAL A 42 14.26 36.52 5.46
N LEU A 43 13.50 37.58 5.22
CA LEU A 43 12.13 37.70 5.68
C LEU A 43 11.27 38.23 4.55
N CYS A 44 10.13 37.57 4.32
CA CYS A 44 9.29 37.79 3.14
C CYS A 44 7.84 37.89 3.54
N LYS A 45 7.23 39.03 3.24
CA LYS A 45 5.82 39.22 3.53
C LYS A 45 4.98 38.82 2.32
N SER A 46 3.94 38.00 2.57
CA SER A 46 2.97 37.60 1.57
C SER A 46 3.57 36.66 0.54
N SER A 47 4.68 37.04 -0.08
CA SER A 47 5.29 36.19 -1.10
C SER A 47 6.77 36.51 -1.26
N SER A 48 7.44 35.67 -2.06
CA SER A 48 8.86 35.76 -2.31
C SER A 48 9.24 37.00 -3.10
N LYS A 49 8.28 37.73 -3.65
CA LYS A 49 8.57 38.94 -4.42
C LYS A 49 8.63 40.19 -3.54
N SER A 50 8.54 40.05 -2.21
CA SER A 50 8.58 41.16 -1.26
C SER A 50 9.38 40.69 -0.05
N CYS A 51 10.70 40.77 -0.16
CA CYS A 51 11.56 40.24 0.89
C CYS A 51 12.62 41.27 1.29
N ALA A 52 13.18 41.07 2.47
CA ALA A 52 14.26 41.90 2.98
C ALA A 52 15.27 41.00 3.67
N THR A 53 16.49 41.52 3.82
CA THR A 53 17.56 40.79 4.48
C THR A 53 18.56 41.79 5.02
N ASN A 54 19.37 41.34 5.97
CA ASN A 54 20.44 42.17 6.51
C ASN A 54 21.71 42.10 5.69
N ASP A 55 21.81 41.17 4.74
CA ASP A 55 23.07 40.93 4.04
C ASP A 55 22.75 40.25 2.70
N LEU A 56 22.80 41.02 1.62
CA LEU A 56 22.46 40.49 0.32
C LEU A 56 23.46 39.43 -0.14
N ALA A 57 24.74 39.62 0.19
CA ALA A 57 25.76 38.67 -0.25
C ALA A 57 25.54 37.30 0.37
N ARG A 58 25.29 37.26 1.68
CA ARG A 58 25.12 35.98 2.36
C ARG A 58 23.72 35.41 2.18
N ALA A 59 22.74 36.23 1.79
CA ALA A 59 21.39 35.72 1.60
C ALA A 59 21.35 34.66 0.51
N SER A 60 22.21 34.79 -0.51
CA SER A 60 22.24 33.86 -1.63
C SER A 60 23.47 32.95 -1.59
N LYS A 61 24.25 32.98 -0.51
CA LYS A 61 25.34 32.05 -0.32
C LYS A 61 24.77 30.71 0.16
N GLU A 62 25.31 29.62 -0.38
CA GLU A 62 24.74 28.30 -0.17
C GLU A 62 25.52 27.55 0.90
N TYR A 63 24.80 26.96 1.85
CA TYR A 63 25.38 26.22 2.95
C TYR A 63 24.77 24.84 3.05
N LEU A 64 25.46 23.97 3.77
CA LEU A 64 24.92 22.66 4.10
C LEU A 64 23.55 22.82 4.75
N PRO A 65 22.52 22.12 4.28
CA PRO A 65 21.19 22.25 4.91
C PRO A 65 21.09 21.54 6.25
N ALA A 66 21.99 20.60 6.57
CA ALA A 66 21.86 19.80 7.78
C ALA A 66 20.42 19.34 7.95
N SER A 67 19.88 19.46 9.17
CA SER A 67 18.59 18.84 9.45
C SER A 67 17.43 19.52 8.72
N THR A 68 17.63 20.74 8.22
CA THR A 68 16.55 21.33 7.42
C THR A 68 16.25 20.51 6.19
N PHE A 69 17.12 19.56 5.83
CA PHE A 69 16.86 18.72 4.66
C PHE A 69 15.80 17.66 4.96
N KCX A 70 15.46 17.50 6.22
CA KCX A 70 14.42 16.54 6.59
CB KCX A 70 14.38 16.37 8.11
CG KCX A 70 15.55 15.56 8.67
CD KCX A 70 15.48 15.39 10.18
CE KCX A 70 16.63 14.52 10.70
NZ KCX A 70 17.96 15.14 10.47
C KCX A 70 13.05 16.95 6.05
O KCX A 70 12.13 16.14 5.99
CX KCX A 70 18.65 14.88 9.36
OQ1 KCX A 70 19.75 15.41 9.18
OQ2 KCX A 70 18.18 14.12 8.50
H KCX A 70 15.80 17.92 6.89
HA KCX A 70 14.63 15.67 6.20
HB2 KCX A 70 13.55 15.91 8.35
HB3 KCX A 70 14.40 17.25 8.52
HG2 KCX A 70 16.37 16.02 8.45
HG3 KCX A 70 15.54 14.68 8.26
HD2 KCX A 70 14.64 14.97 10.42
HD3 KCX A 70 15.54 16.26 10.60
HE2 KCX A 70 16.51 14.38 11.65
HE3 KCX A 70 16.61 13.66 10.24
HZ KCX A 70 18.34 15.72 11.14
N ILE A 71 12.92 18.20 5.61
CA ILE A 71 11.67 18.65 5.00
C ILE A 71 11.52 18.04 3.61
N PRO A 72 12.46 18.29 2.69
CA PRO A 72 12.38 17.61 1.39
C PRO A 72 12.47 16.10 1.50
N ASN A 73 13.33 15.59 2.39
CA ASN A 73 13.51 14.16 2.52
C ASN A 73 12.21 13.46 2.93
N ALA A 74 11.43 14.09 3.82
CA ALA A 74 10.16 13.50 4.21
C ALA A 74 9.17 13.53 3.06
N ILE A 75 9.07 14.66 2.36
CA ILE A 75 8.19 14.76 1.20
C ILE A 75 8.56 13.70 0.17
N ILE A 76 9.85 13.58 -0.13
CA ILE A 76 10.30 12.59 -1.10
C ILE A 76 10.02 11.18 -0.57
N GLY A 77 10.18 10.98 0.74
CA GLY A 77 9.91 9.67 1.30
C GLY A 77 8.46 9.27 1.15
N LEU A 78 7.53 10.21 1.35
CA LEU A 78 6.13 9.91 1.15
C LEU A 78 5.81 9.73 -0.32
N GLU A 79 6.39 10.58 -1.18
CA GLU A 79 6.13 10.50 -2.61
C GLU A 79 6.51 9.13 -3.16
N THR A 80 7.71 8.64 -2.81
CA THR A 80 8.23 7.40 -3.35
C THR A 80 7.60 6.16 -2.72
N GLY A 81 6.80 6.33 -1.67
CA GLY A 81 6.26 5.19 -0.95
C GLY A 81 7.19 4.62 0.10
N VAL A 82 8.41 5.15 0.23
CA VAL A 82 9.31 4.69 1.28
C VAL A 82 8.67 4.90 2.65
N ILE A 83 7.99 6.03 2.83
CA ILE A 83 7.17 6.27 4.01
C ILE A 83 5.74 5.95 3.60
N LYS A 84 5.18 4.88 4.18
CA LYS A 84 3.90 4.37 3.69
C LYS A 84 2.80 5.43 3.82
N ASN A 85 2.77 6.15 4.93
CA ASN A 85 1.73 7.13 5.19
C ASN A 85 2.15 7.97 6.40
N GLU A 86 1.31 8.95 6.74
CA GLU A 86 1.61 9.84 7.86
C GLU A 86 1.55 9.11 9.20
N HIS A 87 0.97 7.92 9.25
CA HIS A 87 0.79 7.19 10.50
C HIS A 87 1.88 6.16 10.74
N GLN A 88 2.91 6.11 9.89
CA GLN A 88 3.98 5.14 10.08
C GLN A 88 4.77 5.48 11.33
N VAL A 89 4.99 4.48 12.18
CA VAL A 89 5.82 4.63 13.37
C VAL A 89 7.21 4.09 13.03
N PHE A 90 8.23 4.91 13.29
CA PHE A 90 9.63 4.49 13.10
C PHE A 90 10.12 3.95 14.44
N LYS A 91 10.21 2.63 14.51
CA LYS A 91 10.50 1.96 15.78
C LYS A 91 11.98 2.06 16.11
N TRP A 92 12.27 2.13 17.41
CA TRP A 92 13.63 1.99 17.93
C TRP A 92 13.74 0.62 18.57
N ASP A 93 14.60 -0.23 18.02
CA ASP A 93 14.74 -1.59 18.51
C ASP A 93 15.92 -1.77 19.46
N GLY A 94 16.54 -0.67 19.89
CA GLY A 94 17.58 -0.72 20.90
C GLY A 94 18.97 -0.40 20.41
N LYS A 95 19.14 -0.18 19.11
CA LYS A 95 20.46 0.19 18.59
C LYS A 95 20.88 1.53 19.15
N PRO A 96 22.04 1.64 19.80
CA PRO A 96 22.43 2.94 20.39
C PRO A 96 22.49 4.02 19.32
N ARG A 97 21.98 5.19 19.67
CA ARG A 97 21.95 6.34 18.76
C ARG A 97 22.67 7.52 19.40
N ALA A 98 23.10 8.45 18.55
CA ALA A 98 23.98 9.52 19.01
C ALA A 98 23.33 10.44 20.04
N MET A 99 22.00 10.43 20.15
CA MET A 99 21.34 11.21 21.20
C MET A 99 20.17 10.41 21.76
N LYS A 100 20.07 10.43 23.09
CA LYS A 100 19.02 9.67 23.78
C LYS A 100 17.64 10.09 23.31
N GLN A 101 17.49 11.33 22.82
CA GLN A 101 16.20 11.79 22.32
C GLN A 101 15.72 10.96 21.14
N TRP A 102 16.62 10.32 20.41
CA TRP A 102 16.26 9.49 19.27
C TRP A 102 16.04 8.04 19.65
N GLU A 103 16.30 7.65 20.89
CA GLU A 103 16.21 6.25 21.31
C GLU A 103 14.81 5.95 21.83
N ARG A 104 13.87 5.92 20.88
CA ARG A 104 12.46 5.71 21.16
C ARG A 104 11.72 5.59 19.84
N ASP A 105 10.56 4.95 19.88
CA ASP A 105 9.68 4.95 18.73
C ASP A 105 9.24 6.38 18.42
N LEU A 106 9.22 6.72 17.13
CA LEU A 106 8.90 8.07 16.69
C LEU A 106 7.88 8.03 15.57
N THR A 107 6.95 8.99 15.60
CA THR A 107 6.11 9.24 14.44
C THR A 107 6.90 10.02 13.39
N LEU A 108 6.29 10.21 12.22
CA LEU A 108 6.94 11.05 11.21
C LEU A 108 7.19 12.45 11.74
N ARG A 109 6.15 13.07 12.32
CA ARG A 109 6.32 14.39 12.91
C ARG A 109 7.40 14.37 14.00
N GLY A 110 7.34 13.39 14.89
CA GLY A 110 8.33 13.29 15.94
C GLY A 110 9.74 13.19 15.39
N ALA A 111 9.94 12.30 14.42
CA ALA A 111 11.26 12.14 13.82
C ALA A 111 11.77 13.45 13.23
N ILE A 112 10.87 14.23 12.62
CA ILE A 112 11.27 15.52 12.08
C ILE A 112 11.60 16.49 13.22
N GLN A 113 10.72 16.58 14.21
CA GLN A 113 10.85 17.62 15.22
C GLN A 113 12.03 17.39 16.15
N VAL A 114 12.37 16.12 16.41
CA VAL A 114 13.56 15.82 17.19
C VAL A 114 14.78 15.62 16.30
N SER A 115 14.62 15.73 14.98
CA SER A 115 15.73 15.57 14.04
C SER A 115 16.42 14.24 14.22
N ALA A 116 15.62 13.16 14.18
CA ALA A 116 16.15 11.81 14.32
C ALA A 116 16.92 11.41 13.07
N LEU A 117 18.21 11.76 13.02
CA LEU A 117 19.02 11.48 11.85
C LEU A 117 18.95 10.04 11.37
N PRO A 118 19.18 9.02 12.21
CA PRO A 118 19.15 7.65 11.70
C PRO A 118 17.85 7.28 10.99
N VAL A 119 16.71 7.82 11.44
CA VAL A 119 15.44 7.53 10.77
C VAL A 119 15.49 8.01 9.32
N PHE A 120 15.98 9.23 9.12
CA PHE A 120 16.02 9.81 7.78
C PHE A 120 17.21 9.33 6.96
N GLN A 121 18.25 8.83 7.59
CA GLN A 121 19.33 8.19 6.83
C GLN A 121 18.83 6.90 6.19
N GLN A 122 18.02 6.12 6.91
CA GLN A 122 17.43 4.92 6.32
C GLN A 122 16.43 5.28 5.22
N ILE A 123 15.66 6.34 5.42
CA ILE A 123 14.75 6.80 4.39
C ILE A 123 15.52 7.18 3.13
N ALA A 124 16.63 7.91 3.30
CA ALA A 124 17.45 8.29 2.17
C ALA A 124 17.92 7.06 1.39
N ARG A 125 18.44 6.06 2.11
CA ARG A 125 18.93 4.84 1.46
C ARG A 125 17.84 4.18 0.62
N GLU A 126 16.62 4.10 1.17
CA GLU A 126 15.54 3.44 0.45
C GLU A 126 15.03 4.26 -0.72
N VAL A 127 15.20 5.58 -0.67
CA VAL A 127 14.80 6.42 -1.80
C VAL A 127 15.76 6.22 -2.96
N GLY A 128 17.06 6.20 -2.68
CA GLY A 128 18.06 5.93 -3.69
C GLY A 128 18.50 7.18 -4.43
N GLU A 129 19.70 7.07 -5.01
CA GLU A 129 20.30 8.20 -5.73
C GLU A 129 19.35 8.76 -6.79
N VAL A 130 18.81 7.88 -7.64
CA VAL A 130 18.10 8.35 -8.82
C VAL A 130 16.87 9.15 -8.44
N ARG A 131 16.07 8.64 -7.51
CA ARG A 131 14.86 9.34 -7.11
C ARG A 131 15.20 10.60 -6.31
N MET A 132 16.19 10.52 -5.43
CA MET A 132 16.62 11.70 -4.70
C MET A 132 17.06 12.80 -5.66
N GLN A 133 17.90 12.46 -6.63
CA GLN A 133 18.36 13.45 -7.60
C GLN A 133 17.20 14.03 -8.39
N LYS A 134 16.25 13.19 -8.79
CA LYS A 134 15.12 13.65 -9.58
C LYS A 134 14.28 14.67 -8.81
N TYR A 135 14.02 14.39 -7.53
CA TYR A 135 13.13 15.28 -6.77
C TYR A 135 13.83 16.57 -6.38
N LEU A 136 15.15 16.53 -6.12
CA LEU A 136 15.85 17.78 -5.83
C LEU A 136 15.91 18.68 -7.05
N LYS A 137 15.99 18.10 -8.26
CA LYS A 137 15.89 18.91 -9.46
C LYS A 137 14.51 19.52 -9.58
N LYS A 138 13.47 18.74 -9.30
CA LYS A 138 12.10 19.24 -9.40
C LYS A 138 11.82 20.31 -8.35
N PHE A 139 12.44 20.20 -7.17
CA PHE A 139 12.22 21.17 -6.11
C PHE A 139 13.10 22.41 -6.25
N SER A 140 14.02 22.43 -7.21
CA SER A 140 15.03 23.49 -7.30
C SER A 140 15.74 23.67 -5.96
N TYR A 141 16.21 22.55 -5.41
CA TYR A 141 16.76 22.54 -4.05
C TYR A 141 18.27 22.79 -4.10
N GLY A 142 18.66 24.04 -3.94
CA GLY A 142 20.07 24.38 -3.84
C GLY A 142 20.85 24.00 -5.07
N ASN A 143 22.09 23.59 -4.86
CA ASN A 143 22.97 23.17 -5.95
C ASN A 143 22.67 21.76 -6.43
N GLN A 144 21.76 21.05 -5.77
CA GLN A 144 21.29 19.74 -6.21
C GLN A 144 22.43 18.72 -6.30
N ASN A 145 23.43 18.88 -5.44
CA ASN A 145 24.58 17.98 -5.42
C ASN A 145 24.43 17.02 -4.24
N ILE A 146 24.21 15.75 -4.54
CA ILE A 146 23.99 14.73 -3.52
C ILE A 146 25.20 13.82 -3.37
N SER A 147 26.34 14.23 -3.91
CA SER A 147 27.59 13.49 -3.72
C SER A 147 28.01 13.50 -2.26
N GLY A 148 28.80 12.49 -1.89
CA GLY A 148 29.27 12.32 -0.54
C GLY A 148 28.63 11.17 0.21
N GLY A 149 27.77 10.41 -0.45
CA GLY A 149 27.06 9.33 0.22
C GLY A 149 25.57 9.61 0.31
N ILE A 150 24.75 8.63 -0.10
CA ILE A 150 23.31 8.83 -0.16
C ILE A 150 22.73 9.15 1.22
N ASP A 151 23.40 8.75 2.29
CA ASP A 151 22.88 8.99 3.64
C ASP A 151 23.69 10.03 4.39
N LYS A 152 24.37 10.94 3.70
CA LYS A 152 25.06 12.01 4.40
C LYS A 152 25.39 13.22 3.52
N PHE A 153 24.84 13.25 2.30
CA PHE A 153 25.18 14.34 1.38
C PHE A 153 24.68 15.69 1.89
N TRP A 154 23.61 15.71 2.69
CA TRP A 154 23.06 16.94 3.21
C TRP A 154 23.75 17.40 4.50
N LEU A 155 24.59 16.56 5.10
CA LEU A 155 25.20 16.88 6.38
C LEU A 155 26.72 17.02 6.31
N GLU A 156 27.41 16.14 5.58
CA GLU A 156 28.84 16.28 5.40
C GLU A 156 29.25 16.15 3.94
N GLY A 157 28.28 16.08 3.03
CA GLY A 157 28.57 16.00 1.61
C GLY A 157 28.56 17.34 0.92
N GLN A 158 28.09 17.38 -0.32
CA GLN A 158 28.27 18.53 -1.20
C GLN A 158 27.00 19.31 -1.44
N LEU A 159 25.90 18.97 -0.76
CA LEU A 159 24.65 19.70 -0.95
C LEU A 159 24.73 21.05 -0.25
N ARG A 160 24.35 22.11 -0.97
CA ARG A 160 24.35 23.47 -0.43
C ARG A 160 23.08 24.17 -0.86
N ILE A 161 22.56 25.04 0.01
CA ILE A 161 21.36 25.80 -0.28
C ILE A 161 21.43 27.12 0.46
N SER A 162 20.95 28.19 -0.17
CA SER A 162 20.95 29.51 0.41
C SER A 162 19.68 29.74 1.23
N ALA A 163 19.68 30.85 1.98
CA ALA A 163 18.49 31.23 2.74
C ALA A 163 17.35 31.61 1.82
N VAL A 164 17.67 32.31 0.72
CA VAL A 164 16.64 32.69 -0.25
C VAL A 164 16.01 31.45 -0.86
N ASN A 165 16.83 30.44 -1.19
CA ASN A 165 16.31 29.21 -1.78
C ASN A 165 15.39 28.48 -0.79
N GLN A 166 15.74 28.50 0.50
CA GLN A 166 14.87 27.90 1.50
C GLN A 166 13.50 28.57 1.52
N VAL A 167 13.49 29.90 1.50
CA VAL A 167 12.23 30.64 1.48
C VAL A 167 11.43 30.28 0.24
N GLU A 168 12.09 30.26 -0.93
CA GLU A 168 11.41 29.88 -2.16
C GLU A 168 10.85 28.46 -2.05
N PHE A 169 11.65 27.53 -1.54
CA PHE A 169 11.19 26.15 -1.37
C PHE A 169 10.01 26.08 -0.40
N LEU A 170 10.11 26.79 0.73
CA LEU A 170 9.04 26.72 1.73
C LEU A 170 7.79 27.41 1.24
N GLU A 171 7.92 28.51 0.50
CA GLU A 171 6.76 29.15 -0.11
C GLU A 171 6.03 28.18 -1.03
N SER A 172 6.77 27.45 -1.87
CA SER A 172 6.16 26.44 -2.72
C SER A 172 5.42 25.41 -1.88
N LEU A 173 6.05 24.93 -0.80
CA LEU A 173 5.39 24.00 0.11
C LEU A 173 4.10 24.59 0.66
N TYR A 174 4.19 25.81 1.21
CA TYR A 174 3.01 26.46 1.77
C TYR A 174 1.88 26.54 0.76
N LEU A 175 2.20 26.89 -0.48
CA LEU A 175 1.20 27.00 -1.53
C LEU A 175 0.83 25.66 -2.15
N ASN A 176 1.44 24.57 -1.70
CA ASN A 176 1.21 23.24 -2.28
C ASN A 176 1.67 23.16 -3.73
N LYS A 177 2.68 23.94 -4.09
CA LYS A 177 3.14 24.05 -5.47
C LYS A 177 4.40 23.25 -5.75
N LEU A 178 4.99 22.61 -4.74
CA LEU A 178 6.02 21.62 -5.02
C LEU A 178 5.44 20.55 -5.94
N SER A 179 6.32 19.95 -6.75
CA SER A 179 5.92 18.88 -7.66
C SER A 179 5.79 17.58 -6.85
N ALA A 180 4.70 17.51 -6.12
CA ALA A 180 4.33 16.35 -5.32
C ALA A 180 2.85 16.46 -5.00
N SER A 181 2.26 15.36 -4.53
CA SER A 181 0.85 15.40 -4.19
C SER A 181 0.58 16.45 -3.12
N LYS A 182 -0.56 17.13 -3.22
CA LYS A 182 -0.96 18.05 -2.16
C LYS A 182 -1.07 17.32 -0.83
N GLU A 183 -1.58 16.08 -0.88
CA GLU A 183 -1.73 15.28 0.33
C GLU A 183 -0.41 15.16 1.09
N ASN A 184 0.68 14.87 0.38
CA ASN A 184 1.96 14.67 1.06
C ASN A 184 2.57 15.99 1.52
N GLN A 185 2.37 17.06 0.76
CA GLN A 185 2.78 18.38 1.23
C GLN A 185 2.03 18.75 2.50
N LEU A 186 0.72 18.48 2.54
CA LEU A 186 -0.07 18.78 3.74
C LEU A 186 0.40 17.95 4.93
N ILE A 187 0.74 16.68 4.70
CA ILE A 187 1.21 15.84 5.79
C ILE A 187 2.44 16.45 6.43
N VAL A 188 3.41 16.86 5.60
CA VAL A 188 4.66 17.40 6.11
C VAL A 188 4.45 18.75 6.75
N LYS A 189 3.44 19.51 6.30
CA LYS A 189 3.20 20.82 6.89
C LYS A 189 2.71 20.71 8.33
N GLU A 190 1.72 19.86 8.60
CA GLU A 190 1.30 19.70 9.99
C GLU A 190 2.45 19.14 10.83
N ALA A 191 3.30 18.30 10.25
CA ALA A 191 4.46 17.80 10.97
C ALA A 191 5.43 18.91 11.34
N LEU A 192 5.32 20.08 10.71
CA LEU A 192 6.23 21.19 10.95
C LEU A 192 5.62 22.26 11.85
N VAL A 193 4.38 22.10 12.28
CA VAL A 193 3.77 23.07 13.19
C VAL A 193 4.54 23.05 14.50
N THR A 194 5.09 24.21 14.89
CA THR A 194 5.82 24.33 16.14
C THR A 194 5.18 25.28 17.14
N GLU A 195 4.23 26.10 16.71
CA GLU A 195 3.51 26.98 17.63
C GLU A 195 2.12 27.19 17.05
N ALA A 196 1.10 27.00 17.88
CA ALA A 196 -0.29 27.06 17.41
C ALA A 196 -1.12 27.92 18.34
N ALA A 197 -1.82 28.88 17.76
CA ALA A 197 -2.77 29.73 18.46
C ALA A 197 -3.94 30.00 17.51
N PRO A 198 -5.06 30.48 18.04
CA PRO A 198 -6.26 30.60 17.16
C PRO A 198 -6.03 31.42 15.90
N GLU A 199 -5.25 32.50 15.99
N GLU A 199 -5.24 32.49 15.99
CA GLU A 199 -4.95 33.34 14.84
CA GLU A 199 -4.95 33.34 14.84
C GLU A 199 -3.45 33.57 14.69
C GLU A 199 -3.45 33.56 14.67
N TYR A 200 -2.65 32.56 15.05
CA TYR A 200 -1.20 32.67 14.93
C TYR A 200 -0.63 31.26 14.88
N LEU A 201 0.08 30.94 13.80
CA LEU A 201 0.54 29.59 13.56
C LEU A 201 1.93 29.65 12.94
N VAL A 202 2.83 28.82 13.45
CA VAL A 202 4.22 28.79 13.01
C VAL A 202 4.55 27.40 12.52
N HIS A 203 5.08 27.32 11.31
CA HIS A 203 5.78 26.14 10.82
C HIS A 203 7.27 26.46 10.78
N SER A 204 8.09 25.56 11.32
CA SER A 204 9.51 25.86 11.35
C SER A 204 10.34 24.59 11.55
N LYS A 205 11.62 24.72 11.22
CA LYS A 205 12.59 23.64 11.33
C LYS A 205 13.95 24.24 11.62
N THR A 206 14.67 23.64 12.57
CA THR A 206 16.02 24.08 12.90
C THR A 206 17.04 23.13 12.27
N GLY A 207 18.29 23.59 12.25
CA GLY A 207 19.39 22.79 11.75
C GLY A 207 20.68 23.20 12.40
N PHE A 208 21.60 22.25 12.53
CA PHE A 208 22.91 22.51 13.12
C PHE A 208 23.88 21.47 12.58
N SER A 209 24.89 21.93 11.83
CA SER A 209 25.80 21.02 11.15
C SER A 209 26.96 20.56 12.03
N GLY A 210 27.09 21.08 13.23
CA GLY A 210 28.24 20.86 14.07
C GLY A 210 29.06 22.12 14.22
N VAL A 211 30.11 22.02 15.05
CA VAL A 211 30.93 23.19 15.34
C VAL A 211 31.99 23.42 14.28
N GLY A 212 32.07 22.58 13.25
CA GLY A 212 33.03 22.78 12.20
C GLY A 212 34.45 22.44 12.63
N THR A 213 35.39 22.97 11.86
CA THR A 213 36.80 22.66 12.07
C THR A 213 37.57 23.95 12.41
N GLU A 214 38.89 23.86 12.34
CA GLU A 214 39.74 25.03 12.51
C GLU A 214 39.57 25.99 11.34
N SER A 215 39.10 27.20 11.64
CA SER A 215 38.77 28.23 10.66
C SER A 215 37.82 27.75 9.57
N ASN A 216 37.02 26.72 9.86
CA ASN A 216 35.89 26.32 9.03
C ASN A 216 34.71 26.12 9.97
N PRO A 217 33.95 27.17 10.25
CA PRO A 217 32.84 27.01 11.20
C PRO A 217 31.69 26.21 10.61
N GLY A 218 30.85 25.69 11.50
CA GLY A 218 29.61 25.04 11.10
C GLY A 218 28.54 26.07 10.80
N VAL A 219 27.35 25.55 10.47
CA VAL A 219 26.20 26.39 10.16
C VAL A 219 25.03 25.94 11.01
N ALA A 220 24.25 26.91 11.49
CA ALA A 220 23.01 26.66 12.22
C ALA A 220 21.87 27.35 11.48
N TRP A 221 20.71 26.71 11.45
CA TRP A 221 19.57 27.19 10.69
C TRP A 221 18.34 27.37 11.56
N TRP A 222 17.49 28.31 11.15
CA TRP A 222 16.08 28.31 11.54
C TRP A 222 15.29 28.81 10.34
N VAL A 223 14.35 28.00 9.86
CA VAL A 223 13.58 28.31 8.66
C VAL A 223 12.12 27.94 8.90
N GLY A 224 11.24 28.61 8.15
CA GLY A 224 9.83 28.32 8.23
C GLY A 224 9.00 29.50 7.74
N TRP A 225 7.77 29.56 8.24
CA TRP A 225 6.89 30.68 7.94
C TRP A 225 5.91 30.88 9.08
N VAL A 226 5.33 32.08 9.12
CA VAL A 226 4.42 32.50 10.17
C VAL A 226 3.11 32.93 9.52
N GLU A 227 2.00 32.39 10.01
CA GLU A 227 0.67 32.77 9.57
C GLU A 227 0.02 33.54 10.71
N LYS A 228 -0.14 34.85 10.53
CA LYS A 228 -0.74 35.72 11.53
C LYS A 228 -2.00 36.35 10.92
N GLU A 229 -3.16 36.04 11.52
CA GLU A 229 -4.42 36.46 10.92
C GLU A 229 -4.45 35.97 9.48
N THR A 230 -4.66 36.86 8.50
CA THR A 230 -4.72 36.45 7.11
C THR A 230 -3.46 36.79 6.34
N GLU A 231 -2.36 37.09 7.03
CA GLU A 231 -1.08 37.35 6.40
C GLU A 231 -0.12 36.19 6.65
N VAL A 232 0.88 36.07 5.79
CA VAL A 232 1.91 35.03 5.91
C VAL A 232 3.28 35.66 5.74
N TYR A 233 4.25 35.16 6.50
CA TYR A 233 5.63 35.63 6.45
C TYR A 233 6.54 34.41 6.36
N PHE A 234 7.30 34.31 5.28
CA PHE A 234 8.31 33.27 5.13
C PHE A 234 9.66 33.81 5.59
N PHE A 235 10.46 32.92 6.18
CA PHE A 235 11.74 33.37 6.72
C PHE A 235 12.77 32.24 6.68
N ALA A 236 14.03 32.65 6.65
CA ALA A 236 15.17 31.73 6.74
C ALA A 236 16.32 32.46 7.39
N PHE A 237 16.95 31.81 8.37
CA PHE A 237 18.10 32.34 9.10
C PHE A 237 19.21 31.31 9.08
N ASN A 238 20.45 31.76 8.90
CA ASN A 238 21.60 30.90 9.14
C ASN A 238 22.74 31.75 9.67
N MET A 239 23.65 31.08 10.40
CA MET A 239 24.77 31.74 11.05
C MET A 239 25.94 30.75 11.11
N ASP A 240 27.15 31.30 11.07
CA ASP A 240 28.34 30.51 11.39
C ASP A 240 28.34 30.21 12.88
N ILE A 241 28.77 29.00 13.24
CA ILE A 241 28.75 28.59 14.65
C ILE A 241 29.88 27.60 14.89
N ASP A 242 30.62 27.81 15.99
CA ASP A 242 31.69 26.92 16.40
C ASP A 242 31.55 26.48 17.86
N ASN A 243 30.40 26.72 18.49
CA ASN A 243 30.17 26.26 19.84
C ASN A 243 28.67 26.14 20.07
N GLU A 244 28.27 25.08 20.78
CA GLU A 244 26.86 24.80 20.98
C GLU A 244 26.20 25.83 21.91
N SER A 245 26.97 26.60 22.66
CA SER A 245 26.39 27.64 23.50
C SER A 245 25.75 28.74 22.67
N LYS A 246 26.06 28.83 21.38
CA LYS A 246 25.51 29.86 20.53
C LYS A 246 24.21 29.45 19.84
N LEU A 247 23.81 28.18 19.98
CA LEU A 247 22.62 27.69 19.30
C LEU A 247 21.39 28.57 19.52
N PRO A 248 21.05 29.00 20.73
CA PRO A 248 19.82 29.77 20.91
C PRO A 248 19.78 31.03 20.08
N LEU A 249 20.93 31.56 19.67
CA LEU A 249 20.95 32.77 18.87
C LEU A 249 20.26 32.58 17.53
N ARG A 250 20.24 31.35 17.02
CA ARG A 250 19.60 31.09 15.74
C ARG A 250 18.09 31.32 15.79
N LYS A 251 17.52 31.35 16.99
CA LYS A 251 16.10 31.66 17.18
C LYS A 251 15.88 33.08 17.69
N SER A 252 16.73 33.56 18.61
CA SER A 252 16.47 34.82 19.27
C SER A 252 16.73 36.01 18.36
N ILE A 253 17.77 35.92 17.52
CA ILE A 253 18.10 37.01 16.61
C ILE A 253 16.95 37.17 15.61
N PRO A 254 16.55 36.12 14.89
CA PRO A 254 15.41 36.29 13.96
C PRO A 254 14.11 36.63 14.67
N THR A 255 13.85 36.06 15.85
CA THR A 255 12.62 36.40 16.56
C THR A 255 12.58 37.89 16.88
N LYS A 256 13.71 38.45 17.33
CA LYS A 256 13.75 39.87 17.65
C LYS A 256 13.50 40.73 16.40
N ILE A 257 14.09 40.34 15.27
CA ILE A 257 13.86 41.07 14.04
C ILE A 257 12.39 41.03 13.66
N MET A 258 11.76 39.86 13.80
CA MET A 258 10.35 39.74 13.45
C MET A 258 9.47 40.49 14.45
N GLU A 259 9.77 40.38 15.75
CA GLU A 259 9.07 41.19 16.74
C GLU A 259 9.12 42.66 16.38
N SER A 260 10.30 43.14 15.95
CA SER A 260 10.47 44.52 15.51
C SER A 260 9.51 44.87 14.38
N GLU A 261 9.18 43.91 13.53
CA GLU A 261 8.34 44.13 12.36
C GLU A 261 6.87 43.90 12.64
N GLY A 262 6.49 43.78 13.91
CA GLY A 262 5.12 43.54 14.28
C GLY A 262 4.63 42.12 14.05
N ILE A 263 5.52 41.18 13.71
CA ILE A 263 5.14 39.79 13.56
C ILE A 263 5.02 39.19 14.95
N ILE A 264 3.85 39.46 15.56
CA ILE A 264 3.51 39.35 16.97
C ILE A 264 4.58 39.86 17.92
N GLY A 265 4.15 40.69 18.84
CA GLY A 265 5.01 41.30 19.81
C GLY A 265 5.26 40.43 21.02
N SER B 21 23.96 -17.56 -31.12
CA SER B 21 23.49 -17.16 -32.44
C SER B 21 22.25 -17.98 -32.84
N ILE B 22 21.84 -17.82 -34.10
CA ILE B 22 20.61 -18.39 -34.61
C ILE B 22 20.85 -18.92 -36.01
N THR B 23 20.31 -20.10 -36.29
CA THR B 23 20.48 -20.76 -37.57
C THR B 23 19.14 -20.92 -38.27
N GLU B 24 19.19 -21.13 -39.58
CA GLU B 24 18.00 -21.33 -40.38
C GLU B 24 17.69 -22.82 -40.51
N ASN B 25 16.42 -23.16 -40.38
CA ASN B 25 15.92 -24.52 -40.58
C ASN B 25 14.75 -24.43 -41.55
N MET B 26 15.04 -24.53 -42.85
CA MET B 26 14.03 -24.36 -43.88
C MET B 26 13.07 -25.53 -43.98
N SER B 27 13.37 -26.65 -43.32
CA SER B 27 12.41 -27.75 -43.31
C SER B 27 11.16 -27.40 -42.52
N TRP B 28 11.24 -26.43 -41.62
CA TRP B 28 10.04 -26.02 -40.90
C TRP B 28 9.03 -25.31 -41.81
N ASN B 29 9.47 -24.81 -42.97
CA ASN B 29 8.57 -24.09 -43.86
C ASN B 29 7.41 -24.97 -44.33
N LYS B 30 7.54 -26.29 -44.22
CA LYS B 30 6.49 -27.19 -44.70
C LYS B 30 5.19 -26.93 -43.95
N GLU B 31 5.26 -26.71 -42.64
CA GLU B 31 4.06 -26.44 -41.86
C GLU B 31 3.37 -25.17 -42.31
N PHE B 32 4.11 -24.23 -42.89
CA PHE B 32 3.51 -22.99 -43.38
C PHE B 32 2.86 -23.20 -44.74
N SER B 33 3.56 -23.86 -45.67
CA SER B 33 3.13 -23.90 -47.06
C SER B 33 1.77 -24.57 -47.19
N ALA B 34 1.49 -25.59 -46.36
CA ALA B 34 0.19 -26.22 -46.38
C ALA B 34 -0.94 -25.20 -46.31
N GLU B 35 -0.70 -24.07 -45.65
CA GLU B 35 -1.71 -23.04 -45.46
C GLU B 35 -1.38 -21.73 -46.15
N ALA B 36 -0.30 -21.69 -46.94
CA ALA B 36 0.11 -20.47 -47.63
C ALA B 36 0.30 -19.31 -46.65
N VAL B 37 0.85 -19.63 -45.48
CA VAL B 37 1.06 -18.64 -44.44
C VAL B 37 2.45 -18.03 -44.61
N ASN B 38 2.52 -16.69 -44.56
CA ASN B 38 3.78 -15.98 -44.51
C ASN B 38 4.08 -15.66 -43.05
N GLY B 39 5.05 -16.37 -42.47
CA GLY B 39 5.33 -16.19 -41.06
C GLY B 39 6.70 -16.69 -40.69
N VAL B 40 6.99 -16.60 -39.39
CA VAL B 40 8.28 -16.98 -38.85
C VAL B 40 8.07 -17.64 -37.50
N PHE B 41 8.88 -18.65 -37.21
CA PHE B 41 8.95 -19.29 -35.91
C PHE B 41 10.40 -19.24 -35.44
N VAL B 42 10.61 -18.82 -34.20
CA VAL B 42 11.91 -18.85 -33.57
C VAL B 42 11.82 -19.76 -32.35
N LEU B 43 12.72 -20.73 -32.26
CA LEU B 43 12.70 -21.73 -31.21
C LEU B 43 14.11 -21.88 -30.64
N CYS B 44 14.22 -21.78 -29.31
CA CYS B 44 15.52 -21.74 -28.64
C CYS B 44 15.53 -22.73 -27.49
N LYS B 45 16.52 -23.61 -27.50
CA LYS B 45 16.68 -24.60 -26.43
C LYS B 45 17.65 -24.07 -25.39
N SER B 46 17.20 -24.06 -24.13
CA SER B 46 18.02 -23.71 -22.97
C SER B 46 18.20 -22.20 -22.84
N SER B 47 18.67 -21.55 -23.90
CA SER B 47 18.90 -20.12 -23.85
C SER B 47 18.73 -19.54 -25.25
N SER B 48 18.81 -18.20 -25.33
CA SER B 48 18.73 -17.49 -26.60
C SER B 48 20.02 -17.59 -27.42
N LYS B 49 20.98 -18.37 -26.97
CA LYS B 49 22.20 -18.62 -27.74
C LYS B 49 22.08 -19.84 -28.64
N SER B 50 21.05 -20.65 -28.46
CA SER B 50 20.86 -21.89 -29.21
C SER B 50 19.49 -21.87 -29.88
N CYS B 51 19.35 -21.00 -30.89
CA CYS B 51 18.07 -20.76 -31.53
C CYS B 51 18.09 -21.23 -32.99
N ALA B 52 16.89 -21.54 -33.49
CA ALA B 52 16.68 -21.88 -34.89
C ALA B 52 15.40 -21.23 -35.38
N THR B 53 15.36 -20.90 -36.67
CA THR B 53 14.17 -20.29 -37.25
C THR B 53 14.03 -20.75 -38.69
N ASN B 54 12.80 -20.69 -39.20
CA ASN B 54 12.53 -21.01 -40.59
C ASN B 54 12.91 -19.88 -41.53
N ASP B 55 13.05 -18.66 -41.02
CA ASP B 55 13.26 -17.48 -41.86
C ASP B 55 14.11 -16.50 -41.06
N LEU B 56 15.40 -16.45 -41.36
CA LEU B 56 16.31 -15.58 -40.62
C LEU B 56 15.91 -14.11 -40.79
N ALA B 57 15.56 -13.71 -42.01
CA ALA B 57 15.18 -12.33 -42.25
C ALA B 57 14.00 -11.94 -41.38
N ARG B 58 12.86 -12.64 -41.53
CA ARG B 58 11.67 -12.24 -40.80
C ARG B 58 11.83 -12.40 -39.29
N ALA B 59 12.71 -13.29 -38.84
CA ALA B 59 12.91 -13.45 -37.40
C ALA B 59 13.35 -12.14 -36.74
N SER B 60 14.07 -11.30 -37.46
CA SER B 60 14.56 -10.05 -36.92
C SER B 60 13.73 -8.85 -37.36
N LYS B 61 12.69 -9.06 -38.17
CA LYS B 61 11.83 -7.96 -38.57
C LYS B 61 10.88 -7.59 -37.44
N GLU B 62 10.67 -6.31 -37.23
CA GLU B 62 9.92 -5.81 -36.09
C GLU B 62 8.48 -5.50 -36.50
N TYR B 63 7.52 -5.96 -35.67
CA TYR B 63 6.10 -5.79 -35.92
C TYR B 63 5.42 -5.25 -34.68
N LEU B 64 4.23 -4.70 -34.87
CA LEU B 64 3.40 -4.30 -33.74
C LEU B 64 3.27 -5.47 -32.77
N PRO B 65 3.49 -5.27 -31.46
CA PRO B 65 3.33 -6.38 -30.52
C PRO B 65 1.88 -6.70 -30.20
N ALA B 66 0.95 -5.78 -30.43
CA ALA B 66 -0.45 -6.00 -30.10
C ALA B 66 -0.58 -6.50 -28.66
N SER B 67 -1.46 -7.48 -28.44
CA SER B 67 -1.77 -7.88 -27.07
C SER B 67 -0.59 -8.54 -26.36
N THR B 68 0.45 -8.95 -27.09
CA THR B 68 1.63 -9.46 -26.40
C THR B 68 2.28 -8.38 -25.53
N PHE B 69 1.98 -7.11 -25.79
CA PHE B 69 2.56 -6.04 -25.01
C PHE B 69 2.06 -6.07 -23.57
N KCX B 70 0.94 -6.75 -23.35
CA KCX B 70 0.37 -6.84 -22.02
CB KCX B 70 -0.94 -7.62 -22.06
CG KCX B 70 -2.07 -6.87 -22.77
CD KCX B 70 -3.40 -7.60 -22.65
CE KCX B 70 -4.55 -6.78 -23.24
NZ KCX B 70 -4.29 -6.38 -24.66
C KCX B 70 1.34 -7.49 -21.03
O KCX B 70 1.18 -7.32 -19.82
CX KCX B 70 -3.77 -5.19 -24.94
OQ1 KCX B 70 -3.49 -4.40 -24.03
OQ2 KCX B 70 -3.56 -4.87 -26.12
H KCX B 70 0.51 -7.17 -23.96
HA KCX B 70 0.19 -5.94 -21.70
HB2 KCX B 70 -1.23 -7.80 -21.15
HB3 KCX B 70 -0.80 -8.45 -22.54
HG2 KCX B 70 -2.17 -5.99 -22.36
HG3 KCX B 70 -1.86 -6.77 -23.71
HD2 KCX B 70 -3.35 -8.44 -23.14
HD3 KCX B 70 -3.60 -7.76 -21.72
HE2 KCX B 70 -5.36 -7.30 -23.22
HE3 KCX B 70 -4.66 -5.97 -22.72
HZ KCX B 70 -4.52 -6.98 -25.37
N ILE B 71 2.33 -8.22 -21.53
CA ILE B 71 3.32 -8.81 -20.64
C ILE B 71 4.18 -7.72 -19.99
N PRO B 72 4.91 -6.92 -20.78
CA PRO B 72 5.65 -5.80 -20.17
C PRO B 72 4.73 -4.80 -19.49
N ASN B 73 3.55 -4.54 -20.06
CA ASN B 73 2.62 -3.60 -19.45
C ASN B 73 2.19 -4.06 -18.07
N ALA B 74 1.95 -5.37 -17.90
CA ALA B 74 1.58 -5.88 -16.59
C ALA B 74 2.71 -5.70 -15.59
N ILE B 75 3.95 -5.93 -16.03
CA ILE B 75 5.10 -5.77 -15.14
C ILE B 75 5.26 -4.31 -14.75
N ILE B 76 5.22 -3.41 -15.74
CA ILE B 76 5.39 -1.99 -15.49
C ILE B 76 4.29 -1.49 -14.56
N GLY B 77 3.06 -1.94 -14.78
CA GLY B 77 1.99 -1.57 -13.87
C GLY B 77 2.27 -1.98 -12.44
N LEU B 78 2.80 -3.19 -12.26
CA LEU B 78 3.14 -3.66 -10.92
C LEU B 78 4.31 -2.89 -10.34
N GLU B 79 5.36 -2.68 -11.14
CA GLU B 79 6.54 -1.98 -10.64
C GLU B 79 6.20 -0.58 -10.16
N THR B 80 5.31 0.11 -10.86
CA THR B 80 4.99 1.50 -10.57
C THR B 80 3.89 1.66 -9.53
N GLY B 81 3.28 0.56 -9.08
CA GLY B 81 2.21 0.65 -8.12
C GLY B 81 0.83 0.89 -8.70
N VAL B 82 0.73 1.11 -10.01
CA VAL B 82 -0.59 1.26 -10.64
C VAL B 82 -1.42 0.01 -10.41
N ILE B 83 -0.79 -1.15 -10.48
CA ILE B 83 -1.41 -2.42 -10.11
C ILE B 83 -0.98 -2.70 -8.67
N LYS B 84 -1.95 -2.65 -7.74
CA LYS B 84 -1.61 -2.72 -6.32
C LYS B 84 -0.85 -4.01 -5.99
N ASN B 85 -1.32 -5.13 -6.52
CA ASN B 85 -0.67 -6.42 -6.30
C ASN B 85 -1.40 -7.44 -7.17
N GLU B 86 -0.98 -8.70 -7.06
CA GLU B 86 -1.54 -9.73 -7.93
C GLU B 86 -3.00 -10.03 -7.64
N HIS B 87 -3.53 -9.56 -6.51
CA HIS B 87 -4.91 -9.82 -6.14
C HIS B 87 -5.84 -8.67 -6.50
N GLN B 88 -5.39 -7.73 -7.32
CA GLN B 88 -6.27 -6.64 -7.72
C GLN B 88 -7.35 -7.16 -8.66
N VAL B 89 -8.59 -6.79 -8.38
CA VAL B 89 -9.73 -7.08 -9.25
C VAL B 89 -9.98 -5.84 -10.11
N PHE B 90 -10.10 -6.05 -11.42
CA PHE B 90 -10.41 -4.98 -12.35
C PHE B 90 -11.90 -5.08 -12.66
N LYS B 91 -12.69 -4.28 -11.97
CA LYS B 91 -14.14 -4.32 -12.12
C LYS B 91 -14.55 -3.82 -13.50
N TRP B 92 -15.62 -4.42 -14.03
CA TRP B 92 -16.31 -3.89 -15.20
C TRP B 92 -17.49 -3.07 -14.70
N ASP B 93 -17.47 -1.77 -14.98
CA ASP B 93 -18.48 -0.85 -14.48
C ASP B 93 -19.67 -0.70 -15.42
N GLY B 94 -19.69 -1.44 -16.53
CA GLY B 94 -20.78 -1.37 -17.49
C GLY B 94 -20.45 -0.62 -18.76
N LYS B 95 -19.32 0.06 -18.82
CA LYS B 95 -18.90 0.73 -20.04
C LYS B 95 -18.78 -0.28 -21.17
N PRO B 96 -19.50 -0.12 -22.28
CA PRO B 96 -19.36 -1.08 -23.38
C PRO B 96 -17.91 -1.31 -23.75
N ARG B 97 -17.58 -2.57 -24.05
CA ARG B 97 -16.26 -2.95 -24.53
C ARG B 97 -16.42 -3.72 -25.84
N ALA B 98 -15.33 -3.80 -26.59
CA ALA B 98 -15.41 -4.27 -27.97
C ALA B 98 -15.69 -5.76 -28.08
N MET B 99 -15.50 -6.53 -27.02
CA MET B 99 -15.82 -7.94 -27.01
C MET B 99 -16.54 -8.28 -25.70
N LYS B 100 -17.63 -9.04 -25.81
CA LYS B 100 -18.45 -9.35 -24.64
C LYS B 100 -17.64 -10.15 -23.61
N GLN B 101 -16.63 -10.89 -24.05
CA GLN B 101 -15.80 -11.65 -23.13
C GLN B 101 -14.97 -10.75 -22.22
N TRP B 102 -14.89 -9.45 -22.51
CA TRP B 102 -14.20 -8.51 -21.65
C TRP B 102 -15.13 -7.82 -20.65
N GLU B 103 -16.44 -8.02 -20.75
CA GLU B 103 -17.40 -7.24 -19.98
C GLU B 103 -17.74 -7.99 -18.70
N ARG B 104 -16.82 -7.92 -17.75
CA ARG B 104 -16.91 -8.63 -16.49
C ARG B 104 -15.69 -8.26 -15.66
N ASP B 105 -15.83 -8.40 -14.34
CA ASP B 105 -14.68 -8.25 -13.46
C ASP B 105 -13.62 -9.28 -13.82
N LEU B 106 -12.36 -8.88 -13.74
CA LEU B 106 -11.24 -9.73 -14.12
C LEU B 106 -10.11 -9.61 -13.12
N THR B 107 -9.41 -10.71 -12.88
CA THR B 107 -8.15 -10.65 -12.16
C THR B 107 -7.05 -10.20 -13.11
N LEU B 108 -5.87 -9.90 -12.55
CA LEU B 108 -4.74 -9.57 -13.42
C LEU B 108 -4.48 -10.70 -14.41
N ARG B 109 -4.56 -11.95 -13.94
CA ARG B 109 -4.36 -13.09 -14.83
C ARG B 109 -5.47 -13.16 -15.88
N GLY B 110 -6.72 -13.04 -15.43
CA GLY B 110 -7.83 -13.09 -16.37
C GLY B 110 -7.73 -12.02 -17.43
N ALA B 111 -7.38 -10.79 -17.03
CA ALA B 111 -7.30 -9.69 -17.98
C ALA B 111 -6.21 -9.93 -19.02
N ILE B 112 -5.09 -10.54 -18.61
CA ILE B 112 -4.05 -10.88 -19.57
C ILE B 112 -4.53 -11.99 -20.50
N GLN B 113 -5.14 -13.03 -19.94
CA GLN B 113 -5.44 -14.22 -20.72
C GLN B 113 -6.61 -14.00 -21.68
N VAL B 114 -7.59 -13.18 -21.30
CA VAL B 114 -8.63 -12.79 -22.24
C VAL B 114 -8.23 -11.58 -23.07
N SER B 115 -7.07 -10.98 -22.78
CA SER B 115 -6.59 -9.80 -23.48
C SER B 115 -7.62 -8.66 -23.40
N ALA B 116 -7.94 -8.28 -22.17
CA ALA B 116 -8.90 -7.21 -21.90
C ALA B 116 -8.19 -5.88 -22.16
N LEU B 117 -8.20 -5.45 -23.42
CA LEU B 117 -7.49 -4.24 -23.80
C LEU B 117 -7.87 -3.02 -22.97
N PRO B 118 -9.15 -2.75 -22.69
CA PRO B 118 -9.47 -1.54 -21.92
C PRO B 118 -8.80 -1.50 -20.56
N VAL B 119 -8.68 -2.67 -19.90
CA VAL B 119 -8.03 -2.71 -18.61
C VAL B 119 -6.60 -2.22 -18.72
N PHE B 120 -5.90 -2.62 -19.77
CA PHE B 120 -4.49 -2.26 -19.93
C PHE B 120 -4.31 -0.89 -20.58
N GLN B 121 -5.31 -0.39 -21.31
CA GLN B 121 -5.24 0.99 -21.77
C GLN B 121 -5.27 1.95 -20.60
N GLN B 122 -6.09 1.65 -19.58
CA GLN B 122 -6.14 2.48 -18.39
C GLN B 122 -4.87 2.34 -17.57
N ILE B 123 -4.32 1.12 -17.48
CA ILE B 123 -3.06 0.93 -16.80
C ILE B 123 -1.99 1.80 -17.46
N ALA B 124 -1.97 1.82 -18.78
CA ALA B 124 -0.97 2.61 -19.49
C ALA B 124 -1.15 4.10 -19.23
N ARG B 125 -2.41 4.56 -19.14
CA ARG B 125 -2.65 5.97 -18.86
C ARG B 125 -2.08 6.36 -17.50
N GLU B 126 -2.28 5.52 -16.49
CA GLU B 126 -1.81 5.83 -15.14
C GLU B 126 -0.29 5.69 -15.04
N VAL B 127 0.30 4.79 -15.83
CA VAL B 127 1.76 4.70 -15.88
C VAL B 127 2.35 5.98 -16.47
N GLY B 128 1.88 6.36 -17.64
CA GLY B 128 2.29 7.61 -18.26
C GLY B 128 3.51 7.45 -19.16
N GLU B 129 3.65 8.43 -20.05
CA GLU B 129 4.70 8.37 -21.08
C GLU B 129 6.08 8.17 -20.46
N VAL B 130 6.42 9.01 -19.46
CA VAL B 130 7.80 9.05 -18.98
C VAL B 130 8.20 7.71 -18.37
N ARG B 131 7.35 7.15 -17.51
CA ARG B 131 7.69 5.87 -16.90
C ARG B 131 7.63 4.74 -17.91
N MET B 132 6.65 4.76 -18.80
CA MET B 132 6.56 3.75 -19.86
C MET B 132 7.84 3.73 -20.69
N GLN B 133 8.30 4.91 -21.11
CA GLN B 133 9.52 4.99 -21.91
C GLN B 133 10.72 4.48 -21.12
N LYS B 134 10.79 4.80 -19.83
CA LYS B 134 11.91 4.37 -19.00
C LYS B 134 12.00 2.85 -18.95
N TYR B 135 10.86 2.18 -18.73
CA TYR B 135 10.89 0.74 -18.53
C TYR B 135 11.15 0.00 -19.84
N LEU B 136 10.55 0.47 -20.94
CA LEU B 136 10.82 -0.17 -22.23
C LEU B 136 12.28 -0.04 -22.61
N LYS B 137 12.94 1.05 -22.21
CA LYS B 137 14.39 1.14 -22.36
C LYS B 137 15.09 0.16 -21.42
N LYS B 138 14.62 0.07 -20.17
CA LYS B 138 15.16 -0.91 -19.23
C LYS B 138 14.99 -2.32 -19.75
N PHE B 139 13.89 -2.59 -20.47
CA PHE B 139 13.59 -3.93 -20.96
C PHE B 139 14.19 -4.23 -22.32
N SER B 140 14.77 -3.23 -22.98
CA SER B 140 15.23 -3.39 -24.36
C SER B 140 14.12 -3.95 -25.24
N TYR B 141 12.94 -3.32 -25.14
CA TYR B 141 11.73 -3.86 -25.77
C TYR B 141 11.55 -3.22 -27.13
N GLY B 142 12.00 -3.90 -28.17
CA GLY B 142 11.78 -3.45 -29.54
C GLY B 142 12.43 -2.11 -29.80
N ASN B 143 11.81 -1.34 -30.71
CA ASN B 143 12.31 -0.02 -31.04
C ASN B 143 11.94 1.02 -30.00
N GLN B 144 11.28 0.62 -28.91
CA GLN B 144 11.04 1.49 -27.75
C GLN B 144 10.33 2.79 -28.14
N ASN B 145 9.58 2.75 -29.24
CA ASN B 145 8.88 3.92 -29.75
C ASN B 145 7.43 3.85 -29.29
N ILE B 146 7.05 4.69 -28.33
CA ILE B 146 5.71 4.68 -27.78
C ILE B 146 4.86 5.83 -28.32
N SER B 147 5.23 6.39 -29.46
CA SER B 147 4.47 7.47 -30.05
C SER B 147 3.21 6.94 -30.71
N GLY B 148 2.14 7.74 -30.66
CA GLY B 148 0.87 7.36 -31.24
C GLY B 148 -0.24 7.30 -30.21
N GLY B 149 0.03 7.74 -28.99
CA GLY B 149 -0.95 7.71 -27.93
C GLY B 149 -0.60 6.74 -26.82
N ILE B 150 -0.66 7.20 -25.57
CA ILE B 150 -0.23 6.39 -24.44
C ILE B 150 -1.04 5.10 -24.34
N ASP B 151 -2.29 5.10 -24.80
CA ASP B 151 -3.15 3.93 -24.72
C ASP B 151 -3.31 3.24 -26.07
N LYS B 152 -2.42 3.51 -27.02
CA LYS B 152 -2.58 2.94 -28.35
C LYS B 152 -1.25 2.57 -29.01
N PHE B 153 -0.10 2.92 -28.41
CA PHE B 153 1.17 2.84 -29.15
C PHE B 153 1.53 1.41 -29.53
N TRP B 154 1.05 0.41 -28.78
CA TRP B 154 1.42 -0.97 -29.03
C TRP B 154 0.48 -1.69 -29.99
N LEU B 155 -0.63 -1.07 -30.38
CA LEU B 155 -1.58 -1.68 -31.30
C LEU B 155 -1.75 -0.92 -32.60
N GLU B 156 -1.66 0.41 -32.58
CA GLU B 156 -1.74 1.18 -33.81
C GLU B 156 -0.73 2.32 -33.84
N GLY B 157 0.22 2.34 -32.91
CA GLY B 157 1.27 3.33 -32.86
C GLY B 157 2.55 2.85 -33.53
N GLN B 158 3.67 3.35 -33.05
CA GLN B 158 4.96 3.11 -33.68
C GLN B 158 5.78 2.03 -33.01
N LEU B 159 5.25 1.35 -32.00
CA LEU B 159 6.02 0.32 -31.32
C LEU B 159 6.14 -0.92 -32.21
N ARG B 160 7.37 -1.43 -32.34
CA ARG B 160 7.65 -2.60 -33.14
C ARG B 160 8.65 -3.47 -32.41
N ILE B 161 8.50 -4.79 -32.52
CA ILE B 161 9.40 -5.74 -31.88
C ILE B 161 9.47 -6.99 -32.74
N SER B 162 10.66 -7.56 -32.84
CA SER B 162 10.89 -8.75 -33.64
C SER B 162 10.64 -10.01 -32.82
N ALA B 163 10.51 -11.14 -33.52
CA ALA B 163 10.36 -12.42 -32.84
C ALA B 163 11.58 -12.73 -31.98
N VAL B 164 12.78 -12.49 -32.52
CA VAL B 164 14.00 -12.70 -31.74
C VAL B 164 13.97 -11.87 -30.48
N ASN B 165 13.58 -10.60 -30.59
CA ASN B 165 13.54 -9.72 -29.43
C ASN B 165 12.54 -10.22 -28.40
N GLN B 166 11.41 -10.78 -28.86
CA GLN B 166 10.43 -11.34 -27.93
C GLN B 166 11.05 -12.49 -27.13
N VAL B 167 11.84 -13.35 -27.79
CA VAL B 167 12.48 -14.45 -27.09
C VAL B 167 13.48 -13.92 -26.08
N GLU B 168 14.27 -12.91 -26.46
CA GLU B 168 15.23 -12.33 -25.53
C GLU B 168 14.52 -11.74 -24.32
N PHE B 169 13.37 -11.08 -24.54
CA PHE B 169 12.59 -10.52 -23.44
C PHE B 169 12.03 -11.63 -22.55
N LEU B 170 11.44 -12.65 -23.16
CA LEU B 170 10.82 -13.71 -22.37
C LEU B 170 11.87 -14.53 -21.63
N GLU B 171 13.03 -14.75 -22.23
CA GLU B 171 14.12 -15.41 -21.52
C GLU B 171 14.49 -14.65 -20.26
N SER B 172 14.63 -13.32 -20.38
CA SER B 172 14.94 -12.50 -19.22
C SER B 172 13.86 -12.65 -18.15
N LEU B 173 12.60 -12.64 -18.56
CA LEU B 173 11.51 -12.83 -17.60
C LEU B 173 11.62 -14.19 -16.93
N TYR B 174 11.86 -15.24 -17.71
CA TYR B 174 12.00 -16.58 -17.16
C TYR B 174 13.07 -16.61 -16.07
N LEU B 175 14.23 -16.03 -16.35
CA LEU B 175 15.34 -16.03 -15.41
C LEU B 175 15.21 -14.96 -14.33
N ASN B 176 14.15 -14.15 -14.37
CA ASN B 176 13.96 -13.05 -13.42
C ASN B 176 15.04 -11.98 -13.56
N LYS B 177 15.56 -11.79 -14.77
CA LYS B 177 16.66 -10.87 -15.01
C LYS B 177 16.21 -9.54 -15.61
N LEU B 178 14.91 -9.26 -15.62
CA LEU B 178 14.43 -7.94 -16.04
C LEU B 178 14.64 -6.94 -14.90
N SER B 179 14.77 -5.67 -15.28
CA SER B 179 14.93 -4.61 -14.29
C SER B 179 13.60 -4.39 -13.56
N ALA B 180 13.25 -5.35 -12.72
CA ALA B 180 12.01 -5.31 -11.94
C ALA B 180 12.18 -6.32 -10.80
N SER B 181 11.34 -6.17 -9.78
CA SER B 181 11.43 -7.08 -8.64
C SER B 181 11.15 -8.51 -9.08
N LYS B 182 11.85 -9.47 -8.47
N LYS B 182 11.86 -9.46 -8.47
CA LYS B 182 11.56 -10.87 -8.75
CA LYS B 182 11.58 -10.87 -8.71
C LYS B 182 10.10 -11.19 -8.46
C LYS B 182 10.11 -11.17 -8.46
N GLU B 183 9.54 -10.57 -7.42
CA GLU B 183 8.14 -10.80 -7.07
C GLU B 183 7.22 -10.50 -8.25
N ASN B 184 7.36 -9.32 -8.83
CA ASN B 184 6.47 -8.91 -9.92
C ASN B 184 6.68 -9.77 -11.16
N GLN B 185 7.91 -10.19 -11.42
CA GLN B 185 8.16 -11.10 -12.54
C GLN B 185 7.50 -12.45 -12.30
N LEU B 186 7.51 -12.91 -11.04
CA LEU B 186 6.86 -14.18 -10.72
C LEU B 186 5.34 -14.07 -10.79
N ILE B 187 4.79 -12.93 -10.38
CA ILE B 187 3.35 -12.70 -10.48
C ILE B 187 2.91 -12.83 -11.93
N VAL B 188 3.57 -12.09 -12.83
CA VAL B 188 3.21 -12.13 -14.24
C VAL B 188 3.44 -13.51 -14.82
N LYS B 189 4.47 -14.22 -14.35
CA LYS B 189 4.78 -15.53 -14.92
C LYS B 189 3.63 -16.49 -14.67
N GLU B 190 3.15 -16.60 -13.42
CA GLU B 190 2.00 -17.47 -13.19
C GLU B 190 0.79 -17.00 -13.97
N ALA B 191 0.67 -15.69 -14.20
CA ALA B 191 -0.44 -15.18 -15.00
C ALA B 191 -0.35 -15.63 -16.45
N LEU B 192 0.81 -16.11 -16.90
CA LEU B 192 0.98 -16.51 -18.29
C LEU B 192 0.86 -18.02 -18.50
N VAL B 193 0.60 -18.79 -17.45
CA VAL B 193 0.52 -20.24 -17.58
C VAL B 193 -0.75 -20.59 -18.35
N THR B 194 -0.58 -21.32 -19.47
CA THR B 194 -1.71 -21.72 -20.30
C THR B 194 -1.89 -23.23 -20.41
N GLU B 195 -0.88 -24.02 -20.04
CA GLU B 195 -0.99 -25.48 -20.04
C GLU B 195 -0.15 -26.00 -18.88
N ALA B 196 -0.75 -26.86 -18.06
CA ALA B 196 -0.08 -27.34 -16.85
C ALA B 196 -0.17 -28.85 -16.75
N ALA B 197 0.97 -29.49 -16.50
CA ALA B 197 1.06 -30.92 -16.28
C ALA B 197 2.23 -31.16 -15.34
N PRO B 198 2.35 -32.38 -14.78
CA PRO B 198 3.39 -32.61 -13.78
C PRO B 198 4.79 -32.25 -14.24
N GLU B 199 5.16 -32.61 -15.47
CA GLU B 199 6.48 -32.30 -16.00
C GLU B 199 6.38 -31.59 -17.35
N TYR B 200 5.30 -30.84 -17.55
CA TYR B 200 5.11 -30.07 -18.78
C TYR B 200 4.32 -28.81 -18.43
N LEU B 201 4.95 -27.65 -18.60
CA LEU B 201 4.33 -26.38 -18.24
C LEU B 201 4.58 -25.39 -19.36
N VAL B 202 3.52 -24.73 -19.81
CA VAL B 202 3.60 -23.77 -20.91
C VAL B 202 3.20 -22.39 -20.38
N HIS B 203 4.09 -21.42 -20.57
CA HIS B 203 3.78 -20.01 -20.43
C HIS B 203 3.65 -19.41 -21.83
N SER B 204 2.57 -18.68 -22.08
CA SER B 204 2.37 -18.19 -23.44
C SER B 204 1.39 -17.02 -23.48
N LYS B 205 1.42 -16.31 -24.61
CA LYS B 205 0.57 -15.15 -24.83
C LYS B 205 0.36 -14.98 -26.33
N THR B 206 -0.88 -14.73 -26.73
CA THR B 206 -1.22 -14.50 -28.13
C THR B 206 -1.37 -13.01 -28.41
N GLY B 207 -1.38 -12.67 -29.70
CA GLY B 207 -1.64 -11.31 -30.13
C GLY B 207 -2.21 -11.29 -31.53
N PHE B 208 -2.91 -10.20 -31.83
CA PHE B 208 -3.55 -10.02 -33.13
C PHE B 208 -3.87 -8.55 -33.29
N SER B 209 -3.25 -7.90 -34.28
CA SER B 209 -3.39 -6.47 -34.45
C SER B 209 -4.56 -6.07 -35.33
N GLY B 210 -5.31 -7.02 -35.84
CA GLY B 210 -6.37 -6.75 -36.80
C GLY B 210 -6.00 -7.26 -38.18
N VAL B 211 -6.96 -7.12 -39.11
CA VAL B 211 -6.78 -7.68 -40.44
C VAL B 211 -5.99 -6.78 -41.38
N GLY B 212 -5.53 -5.63 -40.90
CA GLY B 212 -4.72 -4.75 -41.72
C GLY B 212 -5.54 -3.91 -42.68
N THR B 213 -4.86 -3.42 -43.71
CA THR B 213 -5.45 -2.53 -44.71
C THR B 213 -5.31 -3.16 -46.11
N GLU B 214 -5.67 -2.39 -47.14
CA GLU B 214 -5.46 -2.82 -48.52
C GLU B 214 -4.02 -3.29 -48.70
N SER B 215 -3.88 -4.55 -49.04
CA SER B 215 -2.94 -5.44 -48.37
C SER B 215 -1.68 -4.73 -47.91
N ASN B 216 -1.79 -4.19 -46.70
CA ASN B 216 -0.69 -4.05 -45.73
C ASN B 216 -1.20 -4.88 -44.55
N PRO B 217 -1.03 -6.20 -44.60
CA PRO B 217 -1.77 -7.07 -43.67
C PRO B 217 -1.37 -6.84 -42.22
N GLY B 218 -2.22 -7.35 -41.32
CA GLY B 218 -1.95 -7.34 -39.90
C GLY B 218 -1.01 -8.47 -39.51
N VAL B 219 -0.75 -8.54 -38.21
CA VAL B 219 0.19 -9.50 -37.64
C VAL B 219 -0.52 -10.26 -36.51
N ALA B 220 -0.24 -11.55 -36.41
CA ALA B 220 -0.74 -12.40 -35.34
C ALA B 220 0.43 -13.07 -34.67
N TRP B 221 0.42 -13.09 -33.32
CA TRP B 221 1.55 -13.56 -32.54
C TRP B 221 1.19 -14.79 -31.73
N TRP B 222 2.19 -15.61 -31.43
CA TRP B 222 2.12 -16.53 -30.29
C TRP B 222 3.53 -16.63 -29.70
N VAL B 223 3.67 -16.26 -28.43
CA VAL B 223 4.97 -16.18 -27.78
C VAL B 223 4.89 -16.85 -26.41
N GLY B 224 6.03 -17.38 -25.97
CA GLY B 224 6.09 -17.96 -24.64
C GLY B 224 7.31 -18.86 -24.51
N TRP B 225 7.19 -19.81 -23.58
CA TRP B 225 8.22 -20.82 -23.41
C TRP B 225 7.59 -22.09 -22.85
N VAL B 226 8.31 -23.19 -23.02
CA VAL B 226 7.86 -24.52 -22.62
C VAL B 226 8.90 -25.10 -21.67
N GLU B 227 8.46 -25.54 -20.49
CA GLU B 227 9.30 -26.22 -19.53
C GLU B 227 8.93 -27.70 -19.59
N LYS B 228 9.77 -28.51 -20.22
CA LYS B 228 9.57 -29.94 -20.31
C LYS B 228 10.65 -30.64 -19.50
N GLU B 229 10.24 -31.39 -18.48
CA GLU B 229 11.20 -32.05 -17.58
C GLU B 229 12.17 -30.98 -17.10
N THR B 230 13.48 -31.16 -17.23
CA THR B 230 14.44 -30.18 -16.76
C THR B 230 14.97 -29.27 -17.87
N GLU B 231 14.35 -29.31 -19.05
CA GLU B 231 14.72 -28.46 -20.15
C GLU B 231 13.67 -27.36 -20.35
N VAL B 232 14.11 -26.26 -20.96
CA VAL B 232 13.23 -25.14 -21.27
C VAL B 232 13.45 -24.74 -22.73
N TYR B 233 12.36 -24.35 -23.40
CA TYR B 233 12.40 -23.88 -24.78
C TYR B 233 11.66 -22.56 -24.88
N PHE B 234 12.29 -21.55 -25.45
CA PHE B 234 11.66 -20.26 -25.69
C PHE B 234 11.24 -20.16 -27.14
N PHE B 235 10.08 -19.53 -27.40
CA PHE B 235 9.58 -19.49 -28.76
C PHE B 235 8.81 -18.19 -29.02
N ALA B 236 8.83 -17.79 -30.30
CA ALA B 236 8.11 -16.62 -30.77
C ALA B 236 7.65 -16.89 -32.19
N PHE B 237 6.36 -16.68 -32.45
CA PHE B 237 5.75 -16.87 -33.76
C PHE B 237 4.98 -15.63 -34.15
N ASN B 238 5.12 -15.21 -35.41
CA ASN B 238 4.21 -14.23 -35.99
C ASN B 238 3.98 -14.57 -37.46
N MET B 239 2.89 -14.02 -37.99
CA MET B 239 2.45 -14.30 -39.35
C MET B 239 1.69 -13.09 -39.88
N ASP B 240 1.70 -12.93 -41.19
CA ASP B 240 0.79 -11.99 -41.83
C ASP B 240 -0.62 -12.57 -41.79
N ILE B 241 -1.61 -11.70 -41.58
CA ILE B 241 -2.99 -12.14 -41.48
C ILE B 241 -3.90 -11.02 -41.96
N ASP B 242 -4.89 -11.40 -42.78
CA ASP B 242 -5.90 -10.46 -43.27
C ASP B 242 -7.30 -11.03 -43.12
N ASN B 243 -7.50 -11.98 -42.21
CA ASN B 243 -8.78 -12.65 -42.04
C ASN B 243 -8.80 -13.40 -40.72
N GLU B 244 -9.82 -13.17 -39.89
CA GLU B 244 -9.88 -13.82 -38.58
C GLU B 244 -9.96 -15.33 -38.68
N SER B 245 -10.38 -15.87 -39.83
CA SER B 245 -10.42 -17.31 -40.00
C SER B 245 -9.04 -17.95 -39.83
N LYS B 246 -7.97 -17.18 -40.06
CA LYS B 246 -6.62 -17.71 -40.03
C LYS B 246 -6.00 -17.71 -38.64
N LEU B 247 -6.66 -17.11 -37.65
CA LEU B 247 -6.09 -16.96 -36.32
C LEU B 247 -5.53 -18.25 -35.75
N PRO B 248 -6.29 -19.34 -35.71
CA PRO B 248 -5.77 -20.57 -35.05
C PRO B 248 -4.45 -21.03 -35.62
N LEU B 249 -4.10 -20.63 -36.85
CA LEU B 249 -2.84 -21.05 -37.43
C LEU B 249 -1.66 -20.53 -36.63
N ARG B 250 -1.84 -19.42 -35.90
CA ARG B 250 -0.74 -18.88 -35.10
C ARG B 250 -0.35 -19.82 -33.97
N LYS B 251 -1.18 -20.79 -33.64
CA LYS B 251 -0.89 -21.79 -32.61
C LYS B 251 -0.59 -23.17 -33.20
N SER B 252 -1.29 -23.56 -34.27
CA SER B 252 -1.13 -24.92 -34.79
C SER B 252 0.19 -25.08 -35.52
N ILE B 253 0.62 -24.09 -36.29
CA ILE B 253 1.88 -24.20 -37.01
C ILE B 253 3.03 -24.33 -36.02
N PRO B 254 3.19 -23.40 -35.07
CA PRO B 254 4.30 -23.57 -34.11
C PRO B 254 4.17 -24.81 -33.24
N THR B 255 2.95 -25.19 -32.85
CA THR B 255 2.80 -26.43 -32.09
C THR B 255 3.28 -27.63 -32.90
N LYS B 256 2.93 -27.67 -34.19
CA LYS B 256 3.35 -28.77 -35.04
C LYS B 256 4.87 -28.79 -35.21
N ILE B 257 5.50 -27.62 -35.24
CA ILE B 257 6.95 -27.57 -35.33
C ILE B 257 7.58 -28.11 -34.05
N MET B 258 7.02 -27.73 -32.90
CA MET B 258 7.55 -28.20 -31.62
C MET B 258 7.30 -29.69 -31.44
N GLU B 259 6.15 -30.18 -31.95
CA GLU B 259 5.87 -31.61 -31.88
C GLU B 259 6.83 -32.40 -32.76
N SER B 260 7.18 -31.85 -33.92
CA SER B 260 8.18 -32.48 -34.77
C SER B 260 9.54 -32.53 -34.09
N GLU B 261 9.80 -31.63 -33.14
CA GLU B 261 11.05 -31.61 -32.40
C GLU B 261 10.98 -32.39 -31.09
N GLY B 262 9.84 -33.03 -30.81
CA GLY B 262 9.70 -33.81 -29.61
C GLY B 262 9.29 -33.04 -28.38
N ILE B 263 8.89 -31.79 -28.54
CA ILE B 263 8.45 -30.96 -27.41
C ILE B 263 6.93 -31.10 -27.32
N ILE B 264 6.49 -32.11 -26.58
CA ILE B 264 5.07 -32.35 -26.35
C ILE B 264 4.88 -32.76 -24.89
N GLY B 265 3.66 -32.60 -24.40
CA GLY B 265 3.29 -33.06 -23.07
C GLY B 265 3.67 -34.50 -22.79
N SER C 21 -16.84 -18.21 10.58
CA SER C 21 -16.91 -19.53 11.21
C SER C 21 -17.35 -20.58 10.20
N ILE C 22 -17.44 -21.83 10.66
CA ILE C 22 -17.69 -22.98 9.81
C ILE C 22 -19.06 -23.55 10.15
N THR C 23 -19.88 -23.75 9.12
CA THR C 23 -21.18 -24.37 9.27
C THR C 23 -21.16 -25.75 8.61
N GLU C 24 -22.09 -26.60 9.04
CA GLU C 24 -22.24 -27.93 8.47
C GLU C 24 -23.31 -27.90 7.40
N ASN C 25 -22.92 -28.14 6.15
CA ASN C 25 -23.87 -28.26 5.06
C ASN C 25 -24.51 -29.63 5.15
N MET C 26 -25.79 -29.67 5.50
N MET C 26 -25.79 -29.69 5.51
CA MET C 26 -26.48 -30.94 5.76
CA MET C 26 -26.46 -30.95 5.77
C MET C 26 -26.75 -31.74 4.49
C MET C 26 -26.65 -31.79 4.50
N SER C 27 -26.33 -31.27 3.32
CA SER C 27 -26.53 -32.01 2.09
C SER C 27 -25.26 -32.63 1.52
N TRP C 28 -24.08 -32.17 1.93
CA TRP C 28 -22.85 -32.70 1.34
C TRP C 28 -22.55 -34.12 1.79
N ASN C 29 -23.03 -34.50 2.98
CA ASN C 29 -22.73 -35.82 3.52
C ASN C 29 -23.31 -36.94 2.67
N LYS C 30 -24.27 -36.63 1.79
CA LYS C 30 -24.83 -37.65 0.91
C LYS C 30 -23.78 -38.15 -0.08
N GLU C 31 -22.88 -37.27 -0.52
CA GLU C 31 -21.80 -37.70 -1.40
C GLU C 31 -20.88 -38.69 -0.71
N PHE C 32 -20.78 -38.62 0.62
CA PHE C 32 -19.98 -39.57 1.37
C PHE C 32 -20.75 -40.87 1.61
N SER C 33 -21.98 -40.74 2.10
CA SER C 33 -22.78 -41.92 2.42
C SER C 33 -23.02 -42.78 1.18
N ALA C 34 -23.26 -42.15 0.02
CA ALA C 34 -23.50 -42.91 -1.20
C ALA C 34 -22.35 -43.84 -1.53
N GLU C 35 -21.16 -43.59 -0.99
CA GLU C 35 -19.99 -44.43 -1.24
C GLU C 35 -19.48 -45.08 0.03
N ALA C 36 -20.23 -44.99 1.12
CA ALA C 36 -19.82 -45.57 2.40
C ALA C 36 -18.43 -45.07 2.81
N VAL C 37 -18.20 -43.77 2.64
CA VAL C 37 -16.91 -43.16 2.95
C VAL C 37 -17.02 -42.38 4.26
N ASN C 38 -16.00 -42.54 5.12
CA ASN C 38 -15.85 -41.73 6.32
C ASN C 38 -14.77 -40.69 6.03
N GLY C 39 -15.19 -39.46 5.79
CA GLY C 39 -14.26 -38.41 5.45
C GLY C 39 -14.88 -37.05 5.73
N VAL C 40 -14.15 -36.01 5.32
CA VAL C 40 -14.60 -34.64 5.51
C VAL C 40 -14.18 -33.79 4.32
N PHE C 41 -15.01 -32.81 4.00
CA PHE C 41 -14.70 -31.78 3.02
C PHE C 41 -14.89 -30.43 3.68
N VAL C 42 -13.91 -29.55 3.52
CA VAL C 42 -14.00 -28.17 4.02
C VAL C 42 -13.81 -27.24 2.84
N LEU C 43 -14.80 -26.39 2.60
CA LEU C 43 -14.82 -25.48 1.45
C LEU C 43 -15.13 -24.09 1.93
N CYS C 44 -14.30 -23.12 1.53
CA CYS C 44 -14.41 -21.75 2.01
C CYS C 44 -14.35 -20.78 0.84
N LYS C 45 -15.32 -19.88 0.78
CA LYS C 45 -15.39 -18.87 -0.27
C LYS C 45 -14.79 -17.57 0.23
N SER C 46 -13.89 -16.98 -0.57
CA SER C 46 -13.27 -15.69 -0.30
C SER C 46 -12.17 -15.80 0.77
N SER C 47 -12.53 -16.28 1.95
CA SER C 47 -11.56 -16.38 3.05
C SER C 47 -11.97 -17.53 3.97
N SER C 48 -11.08 -17.82 4.93
CA SER C 48 -11.36 -18.86 5.91
C SER C 48 -12.40 -18.44 6.92
N LYS C 49 -12.98 -17.26 6.79
CA LYS C 49 -14.06 -16.82 7.66
C LYS C 49 -15.44 -17.24 7.14
N SER C 50 -15.52 -17.82 5.94
CA SER C 50 -16.78 -18.19 5.32
C SER C 50 -16.69 -19.63 4.81
N CYS C 51 -16.66 -20.57 5.76
CA CYS C 51 -16.41 -21.97 5.46
C CYS C 51 -17.63 -22.83 5.72
N ALA C 52 -17.67 -23.98 5.05
CA ALA C 52 -18.70 -24.99 5.28
C ALA C 52 -18.09 -26.36 5.10
N THR C 53 -18.72 -27.36 5.72
CA THR C 53 -18.19 -28.72 5.74
C THR C 53 -19.34 -29.69 5.91
N ASN C 54 -19.06 -30.96 5.61
CA ASN C 54 -20.05 -32.01 5.84
C ASN C 54 -20.04 -32.50 7.28
N ASP C 55 -18.94 -32.31 8.01
CA ASP C 55 -18.79 -32.90 9.35
C ASP C 55 -17.94 -31.93 10.18
N LEU C 56 -18.61 -31.18 11.06
CA LEU C 56 -17.88 -30.25 11.92
C LEU C 56 -16.87 -30.96 12.81
N ALA C 57 -17.13 -32.22 13.16
CA ALA C 57 -16.23 -32.95 14.06
C ALA C 57 -14.94 -33.34 13.34
N ARG C 58 -15.04 -34.01 12.20
CA ARG C 58 -13.84 -34.45 11.50
C ARG C 58 -13.08 -33.29 10.87
N ALA C 59 -13.74 -32.16 10.60
CA ALA C 59 -13.03 -31.01 10.05
C ALA C 59 -11.91 -30.56 10.98
N SER C 60 -12.06 -30.80 12.28
CA SER C 60 -11.03 -30.44 13.24
C SER C 60 -10.09 -31.58 13.58
N LYS C 61 -10.46 -32.83 13.27
CA LYS C 61 -9.59 -33.96 13.56
C LYS C 61 -8.32 -33.85 12.72
N GLU C 62 -7.19 -34.24 13.32
CA GLU C 62 -5.87 -34.06 12.73
C GLU C 62 -5.32 -35.39 12.26
N TYR C 63 -4.69 -35.39 11.09
CA TYR C 63 -4.21 -36.60 10.45
C TYR C 63 -2.81 -36.36 9.88
N LEU C 64 -2.10 -37.46 9.64
CA LEU C 64 -0.83 -37.39 8.95
C LEU C 64 -1.00 -36.60 7.64
N PRO C 65 -0.16 -35.61 7.36
CA PRO C 65 -0.32 -34.86 6.10
C PRO C 65 0.14 -35.62 4.87
N ALA C 66 1.00 -36.62 5.02
CA ALA C 66 1.57 -37.32 3.88
C ALA C 66 2.19 -36.30 2.92
N SER C 67 1.99 -36.50 1.62
CA SER C 67 2.69 -35.67 0.64
C SER C 67 2.14 -34.24 0.56
N THR C 68 1.02 -33.94 1.22
CA THR C 68 0.61 -32.54 1.33
C THR C 68 1.65 -31.72 2.10
N PHE C 69 2.54 -32.39 2.84
CA PHE C 69 3.59 -31.70 3.54
C PHE C 69 4.67 -31.20 2.59
N KCX C 70 4.67 -31.72 1.37
CA KCX C 70 5.62 -31.27 0.36
CB KCX C 70 5.49 -32.08 -0.93
CG KCX C 70 6.09 -33.49 -0.81
CD KCX C 70 5.97 -34.28 -2.09
CE KCX C 70 6.65 -35.64 -1.97
NZ KCX C 70 6.02 -36.51 -0.93
C KCX C 70 5.45 -29.78 0.09
O KCX C 70 6.36 -29.14 -0.46
CX KCX C 70 6.45 -36.51 0.33
OQ1 KCX C 70 7.41 -35.80 0.67
OQ2 KCX C 70 5.90 -37.24 1.16
H KCX C 70 4.12 -32.33 1.09
HA KCX C 70 6.54 -31.41 0.70
HB2 KCX C 70 4.54 -32.17 -1.14
HB3 KCX C 70 5.95 -31.62 -1.64
HG2 KCX C 70 7.03 -33.41 -0.58
HG3 KCX C 70 5.62 -33.97 -0.12
HD2 KCX C 70 5.03 -34.43 -2.29
HD3 KCX C 70 6.39 -33.79 -2.81
HE2 KCX C 70 7.58 -35.50 -1.71
HE3 KCX C 70 6.61 -36.11 -2.82
HZ KCX C 70 5.27 -37.06 -1.18
N ILE C 71 4.31 -29.21 0.49
CA ILE C 71 4.08 -27.79 0.31
C ILE C 71 4.93 -26.99 1.31
N PRO C 72 4.68 -27.14 2.62
CA PRO C 72 5.53 -26.44 3.59
C PRO C 72 6.99 -26.83 3.47
N ASN C 73 7.26 -28.10 3.13
CA ASN C 73 8.65 -28.54 3.00
C ASN C 73 9.36 -27.82 1.87
N ALA C 74 8.68 -27.65 0.74
CA ALA C 74 9.27 -26.88 -0.36
C ALA C 74 9.57 -25.45 0.07
N ILE C 75 8.59 -24.80 0.71
CA ILE C 75 8.79 -23.42 1.17
C ILE C 75 9.98 -23.36 2.11
N ILE C 76 9.96 -24.19 3.15
CA ILE C 76 11.06 -24.22 4.12
C ILE C 76 12.37 -24.48 3.41
N GLY C 77 12.37 -25.38 2.42
CA GLY C 77 13.59 -25.65 1.67
C GLY C 77 14.13 -24.41 1.00
N LEU C 78 13.25 -23.60 0.41
CA LEU C 78 13.70 -22.36 -0.22
C LEU C 78 14.18 -21.36 0.82
N GLU C 79 13.43 -21.21 1.91
CA GLU C 79 13.79 -20.21 2.93
C GLU C 79 15.18 -20.48 3.50
N THR C 80 15.52 -21.75 3.69
CA THR C 80 16.79 -22.11 4.31
C THR C 80 17.94 -22.16 3.31
N GLY C 81 17.68 -22.02 2.01
CA GLY C 81 18.71 -22.11 1.02
C GLY C 81 19.07 -23.51 0.59
N VAL C 82 18.51 -24.54 1.23
CA VAL C 82 18.74 -25.90 0.76
C VAL C 82 18.33 -26.02 -0.70
N ILE C 83 17.15 -25.49 -1.04
CA ILE C 83 16.73 -25.33 -2.43
C ILE C 83 17.24 -23.96 -2.87
N LYS C 84 18.23 -23.95 -3.78
CA LYS C 84 18.93 -22.72 -4.08
C LYS C 84 17.99 -21.67 -4.66
N ASN C 85 17.16 -22.06 -5.64
CA ASN C 85 16.23 -21.13 -6.25
C ASN C 85 15.17 -21.94 -7.02
N GLU C 86 14.30 -21.23 -7.73
CA GLU C 86 13.19 -21.88 -8.42
C GLU C 86 13.66 -22.78 -9.55
N HIS C 87 14.87 -22.58 -10.06
CA HIS C 87 15.42 -23.39 -11.14
C HIS C 87 16.32 -24.51 -10.64
N GLN C 88 16.27 -24.79 -9.34
CA GLN C 88 16.97 -25.93 -8.78
C GLN C 88 16.56 -27.21 -9.48
N VAL C 89 17.55 -27.98 -9.94
CA VAL C 89 17.33 -29.30 -10.50
C VAL C 89 17.77 -30.33 -9.47
N PHE C 90 16.90 -31.28 -9.17
CA PHE C 90 17.20 -32.37 -8.23
C PHE C 90 17.63 -33.57 -9.06
N LYS C 91 18.94 -33.80 -9.13
CA LYS C 91 19.47 -34.82 -10.02
C LYS C 91 19.33 -36.20 -9.42
N TRP C 92 19.07 -37.18 -10.29
CA TRP C 92 18.98 -38.57 -9.89
C TRP C 92 20.36 -39.21 -10.02
N ASP C 93 20.85 -39.81 -8.94
CA ASP C 93 22.18 -40.41 -8.93
C ASP C 93 22.20 -41.79 -9.58
N GLY C 94 21.10 -42.22 -10.20
CA GLY C 94 21.05 -43.45 -10.95
C GLY C 94 20.77 -44.70 -10.15
N LYS C 95 20.72 -44.61 -8.85
CA LYS C 95 20.43 -45.80 -8.06
C LYS C 95 18.94 -45.96 -7.86
N PRO C 96 18.46 -47.19 -7.73
CA PRO C 96 17.02 -47.44 -7.82
C PRO C 96 16.23 -46.70 -6.75
N ARG C 97 15.09 -46.15 -7.16
CA ARG C 97 14.10 -45.56 -6.28
C ARG C 97 12.82 -46.40 -6.33
N ALA C 98 11.91 -46.13 -5.41
CA ALA C 98 10.73 -46.97 -5.26
C ALA C 98 9.79 -46.88 -6.46
N MET C 99 9.90 -45.82 -7.27
CA MET C 99 9.03 -45.65 -8.43
C MET C 99 9.85 -45.13 -9.60
N LYS C 100 9.62 -45.71 -10.78
CA LYS C 100 10.33 -45.28 -11.97
C LYS C 100 10.01 -43.84 -12.32
N GLN C 101 8.82 -43.36 -11.94
CA GLN C 101 8.48 -41.96 -12.15
C GLN C 101 9.52 -41.04 -11.53
N TRP C 102 10.23 -41.52 -10.50
CA TRP C 102 11.19 -40.71 -9.77
C TRP C 102 12.62 -40.88 -10.27
N GLU C 103 12.87 -41.86 -11.15
CA GLU C 103 14.24 -42.21 -11.56
C GLU C 103 14.67 -41.30 -12.71
N ARG C 104 14.79 -40.01 -12.38
CA ARG C 104 15.11 -38.99 -13.36
C ARG C 104 15.43 -37.69 -12.64
N ASP C 105 16.09 -36.78 -13.35
CA ASP C 105 16.23 -35.42 -12.86
C ASP C 105 14.87 -34.74 -12.79
N LEU C 106 14.66 -33.92 -11.77
CA LEU C 106 13.39 -33.25 -11.60
C LEU C 106 13.62 -31.80 -11.21
N THR C 107 12.77 -30.92 -11.72
CA THR C 107 12.65 -29.57 -11.21
C THR C 107 11.86 -29.59 -9.90
N LEU C 108 11.79 -28.43 -9.24
CA LEU C 108 10.99 -28.32 -8.02
C LEU C 108 9.53 -28.62 -8.32
N ARG C 109 8.98 -28.04 -9.38
CA ARG C 109 7.60 -28.32 -9.74
C ARG C 109 7.42 -29.80 -10.08
N GLY C 110 8.35 -30.36 -10.86
CA GLY C 110 8.25 -31.77 -11.18
C GLY C 110 8.27 -32.66 -9.94
N ALA C 111 9.18 -32.37 -9.01
CA ALA C 111 9.26 -33.17 -7.80
C ALA C 111 7.96 -33.10 -7.00
N ILE C 112 7.37 -31.91 -6.92
CA ILE C 112 6.12 -31.76 -6.18
C ILE C 112 4.99 -32.49 -6.89
N GLN C 113 4.90 -32.35 -8.22
CA GLN C 113 3.74 -32.83 -8.95
C GLN C 113 3.75 -34.35 -9.10
N VAL C 114 4.94 -34.94 -9.34
CA VAL C 114 5.05 -36.40 -9.30
C VAL C 114 5.27 -36.91 -7.89
N SER C 115 5.38 -36.01 -6.91
CA SER C 115 5.45 -36.38 -5.49
C SER C 115 6.67 -37.29 -5.24
N ALA C 116 7.84 -36.75 -5.56
CA ALA C 116 9.10 -37.49 -5.45
C ALA C 116 9.55 -37.47 -4.00
N LEU C 117 9.09 -38.46 -3.24
CA LEU C 117 9.38 -38.55 -1.82
C LEU C 117 10.86 -38.43 -1.52
N PRO C 118 11.73 -39.27 -2.09
CA PRO C 118 13.15 -39.20 -1.71
C PRO C 118 13.77 -37.83 -1.92
N VAL C 119 13.27 -37.05 -2.89
CA VAL C 119 13.77 -35.70 -3.07
C VAL C 119 13.52 -34.87 -1.82
N PHE C 120 12.31 -34.96 -1.28
CA PHE C 120 11.93 -34.14 -0.13
C PHE C 120 12.42 -34.71 1.20
N GLN C 121 12.64 -36.03 1.27
CA GLN C 121 13.35 -36.58 2.42
C GLN C 121 14.74 -35.96 2.53
N GLN C 122 15.47 -35.90 1.41
CA GLN C 122 16.79 -35.29 1.41
C GLN C 122 16.70 -33.81 1.75
N ILE C 123 15.69 -33.10 1.23
CA ILE C 123 15.49 -31.71 1.58
C ILE C 123 15.34 -31.57 3.09
N ALA C 124 14.46 -32.39 3.68
CA ALA C 124 14.21 -32.31 5.11
C ALA C 124 15.48 -32.58 5.91
N ARG C 125 16.26 -33.58 5.50
CA ARG C 125 17.51 -33.87 6.18
C ARG C 125 18.41 -32.64 6.19
N GLU C 126 18.55 -31.97 5.04
CA GLU C 126 19.43 -30.81 4.97
C GLU C 126 18.87 -29.64 5.77
N VAL C 127 17.55 -29.46 5.75
CA VAL C 127 16.93 -28.43 6.58
C VAL C 127 17.29 -28.65 8.05
N GLY C 128 17.08 -29.87 8.54
CA GLY C 128 17.40 -30.21 9.90
C GLY C 128 16.25 -29.95 10.86
N GLU C 129 16.36 -30.54 12.05
CA GLU C 129 15.26 -30.48 13.01
C GLU C 129 15.04 -29.07 13.53
N VAL C 130 16.12 -28.40 13.97
CA VAL C 130 15.97 -27.08 14.57
C VAL C 130 15.18 -26.17 13.64
N ARG C 131 15.61 -26.07 12.38
CA ARG C 131 14.98 -25.15 11.44
C ARG C 131 13.59 -25.65 11.04
N MET C 132 13.45 -26.94 10.76
CA MET C 132 12.14 -27.49 10.47
C MET C 132 11.15 -27.15 11.58
N GLN C 133 11.56 -27.33 12.83
CA GLN C 133 10.70 -27.04 13.97
C GLN C 133 10.34 -25.56 14.03
N LYS C 134 11.34 -24.70 13.87
CA LYS C 134 11.09 -23.26 13.89
C LYS C 134 10.02 -22.87 12.87
N TYR C 135 10.09 -23.44 11.67
CA TYR C 135 9.21 -22.99 10.60
C TYR C 135 7.79 -23.54 10.75
N LEU C 136 7.63 -24.75 11.27
CA LEU C 136 6.28 -25.25 11.52
C LEU C 136 5.61 -24.50 12.67
N LYS C 137 6.39 -23.93 13.60
CA LYS C 137 5.80 -23.00 14.56
C LYS C 137 5.37 -21.71 13.89
N LYS C 138 6.23 -21.16 13.02
CA LYS C 138 5.87 -19.95 12.28
C LYS C 138 4.64 -20.17 11.41
N PHE C 139 4.51 -21.38 10.84
CA PHE C 139 3.41 -21.71 9.96
C PHE C 139 2.14 -22.09 10.71
N SER C 140 2.23 -22.30 12.03
CA SER C 140 1.12 -22.86 12.79
C SER C 140 0.60 -24.12 12.10
N TYR C 141 1.51 -25.04 11.82
CA TYR C 141 1.21 -26.22 11.01
C TYR C 141 0.83 -27.38 11.91
N GLY C 142 -0.47 -27.60 12.07
CA GLY C 142 -0.95 -28.74 12.84
C GLY C 142 -0.40 -28.76 14.23
N ASN C 143 -0.16 -29.97 14.75
CA ASN C 143 0.40 -30.14 16.08
C ASN C 143 1.89 -29.87 16.13
N GLN C 144 2.51 -29.53 15.01
CA GLN C 144 3.91 -29.11 14.97
C GLN C 144 4.83 -30.14 15.63
N ASN C 145 4.46 -31.41 15.51
CA ASN C 145 5.19 -32.52 16.15
C ASN C 145 5.95 -33.26 15.05
N ILE C 146 7.25 -33.05 14.98
CA ILE C 146 8.06 -33.65 13.93
C ILE C 146 8.87 -34.85 14.45
N SER C 147 8.44 -35.46 15.55
CA SER C 147 9.09 -36.69 15.99
C SER C 147 8.73 -37.84 15.04
N GLY C 148 9.60 -38.83 15.02
CA GLY C 148 9.45 -39.96 14.13
C GLY C 148 10.54 -40.07 13.07
N GLY C 149 11.54 -39.20 13.09
CA GLY C 149 12.54 -39.18 12.05
C GLY C 149 12.44 -37.94 11.20
N ILE C 150 13.55 -37.20 11.05
CA ILE C 150 13.50 -35.94 10.31
C ILE C 150 13.11 -36.13 8.86
N ASP C 151 13.33 -37.33 8.31
CA ASP C 151 12.98 -37.61 6.92
C ASP C 151 11.70 -38.42 6.80
N LYS C 152 10.87 -38.46 7.84
CA LYS C 152 9.65 -39.25 7.74
C LYS C 152 8.58 -38.89 8.77
N PHE C 153 8.74 -37.78 9.49
CA PHE C 153 7.75 -37.45 10.52
C PHE C 153 6.38 -37.18 9.91
N TRP C 154 6.31 -36.75 8.64
CA TRP C 154 5.05 -36.42 7.98
C TRP C 154 4.40 -37.62 7.30
N LEU C 155 5.13 -38.72 7.14
CA LEU C 155 4.59 -39.94 6.55
C LEU C 155 4.18 -40.98 7.58
N GLU C 156 5.04 -41.21 8.58
CA GLU C 156 4.79 -42.25 9.57
C GLU C 156 5.14 -41.79 10.99
N GLY C 157 5.38 -40.50 11.20
CA GLY C 157 5.71 -39.99 12.51
C GLY C 157 4.50 -39.49 13.26
N GLN C 158 4.68 -38.41 14.03
CA GLN C 158 3.65 -37.91 14.92
C GLN C 158 3.03 -36.60 14.46
N LEU C 159 3.39 -36.12 13.27
CA LEU C 159 2.82 -34.87 12.77
C LEU C 159 1.37 -35.07 12.37
N ARG C 160 0.51 -34.17 12.83
CA ARG C 160 -0.93 -34.24 12.55
C ARG C 160 -1.42 -32.85 12.19
N ILE C 161 -2.31 -32.78 11.20
CA ILE C 161 -2.90 -31.51 10.77
C ILE C 161 -4.34 -31.77 10.34
N SER C 162 -5.21 -30.80 10.60
CA SER C 162 -6.63 -30.92 10.30
C SER C 162 -6.97 -30.28 8.97
N ALA C 163 -8.17 -30.59 8.48
CA ALA C 163 -8.62 -29.99 7.22
C ALA C 163 -8.77 -28.47 7.36
N VAL C 164 -9.31 -28.01 8.49
CA VAL C 164 -9.42 -26.58 8.73
C VAL C 164 -8.03 -25.94 8.75
N ASN C 165 -7.07 -26.59 9.43
CA ASN C 165 -5.72 -26.05 9.47
C ASN C 165 -5.12 -25.96 8.08
N GLN C 166 -5.39 -26.95 7.22
CA GLN C 166 -4.85 -26.92 5.87
C GLN C 166 -5.39 -25.72 5.10
N VAL C 167 -6.69 -25.42 5.25
CA VAL C 167 -7.27 -24.28 4.56
C VAL C 167 -6.65 -22.98 5.08
N GLU C 168 -6.55 -22.85 6.40
CA GLU C 168 -5.88 -21.70 6.99
C GLU C 168 -4.48 -21.54 6.42
N PHE C 169 -3.73 -22.65 6.36
CA PHE C 169 -2.35 -22.60 5.86
C PHE C 169 -2.32 -22.18 4.40
N LEU C 170 -3.17 -22.78 3.58
CA LEU C 170 -3.15 -22.48 2.15
C LEU C 170 -3.63 -21.06 1.88
N GLU C 171 -4.60 -20.57 2.66
CA GLU C 171 -5.01 -19.18 2.52
C GLU C 171 -3.84 -18.25 2.74
N SER C 172 -3.10 -18.44 3.84
CA SER C 172 -1.92 -17.62 4.09
C SER C 172 -0.96 -17.67 2.91
N LEU C 173 -0.72 -18.87 2.36
CA LEU C 173 0.15 -18.98 1.19
C LEU C 173 -0.42 -18.19 0.02
N TYR C 174 -1.70 -18.40 -0.27
CA TYR C 174 -2.37 -17.67 -1.35
C TYR C 174 -2.18 -16.16 -1.18
N LEU C 175 -2.19 -15.68 0.06
CA LEU C 175 -2.10 -14.26 0.34
C LEU C 175 -0.65 -13.79 0.54
N ASN C 176 0.32 -14.68 0.41
CA ASN C 176 1.72 -14.39 0.69
C ASN C 176 1.95 -14.00 2.14
N LYS C 177 1.05 -14.43 3.02
CA LYS C 177 1.06 -14.03 4.42
C LYS C 177 1.82 -15.01 5.32
N LEU C 178 2.42 -16.05 4.77
CA LEU C 178 3.27 -16.92 5.58
C LEU C 178 4.56 -16.21 5.95
N SER C 179 5.10 -16.55 7.11
CA SER C 179 6.39 -15.98 7.53
C SER C 179 7.49 -16.57 6.66
N ALA C 180 7.49 -16.15 5.40
CA ALA C 180 8.49 -16.51 4.41
C ALA C 180 8.45 -15.41 3.34
N SER C 181 9.52 -15.30 2.57
CA SER C 181 9.55 -14.30 1.52
C SER C 181 8.40 -14.52 0.55
N LYS C 182 7.80 -13.41 0.09
CA LYS C 182 6.73 -13.53 -0.90
C LYS C 182 7.23 -14.23 -2.16
N GLU C 183 8.48 -13.99 -2.54
CA GLU C 183 9.00 -14.62 -3.75
C GLU C 183 9.12 -16.12 -3.61
N ASN C 184 9.52 -16.61 -2.44
CA ASN C 184 9.52 -18.05 -2.24
C ASN C 184 8.11 -18.62 -2.19
N GLN C 185 7.16 -17.88 -1.63
CA GLN C 185 5.77 -18.32 -1.66
C GLN C 185 5.25 -18.35 -3.09
N LEU C 186 5.67 -17.39 -3.92
CA LEU C 186 5.22 -17.36 -5.31
C LEU C 186 5.82 -18.52 -6.10
N ILE C 187 7.06 -18.89 -5.80
CA ILE C 187 7.70 -19.99 -6.50
C ILE C 187 6.95 -21.29 -6.25
N VAL C 188 6.64 -21.57 -4.98
CA VAL C 188 5.93 -22.80 -4.65
C VAL C 188 4.51 -22.76 -5.20
N LYS C 189 3.91 -21.57 -5.29
CA LYS C 189 2.54 -21.47 -5.79
C LYS C 189 2.46 -21.91 -7.24
N GLU C 190 3.33 -21.40 -8.10
CA GLU C 190 3.27 -21.84 -9.49
C GLU C 190 3.56 -23.33 -9.62
N ALA C 191 4.44 -23.87 -8.77
CA ALA C 191 4.72 -25.29 -8.79
C ALA C 191 3.50 -26.12 -8.45
N LEU C 192 2.49 -25.52 -7.83
CA LEU C 192 1.29 -26.24 -7.41
C LEU C 192 0.15 -26.13 -8.40
N VAL C 193 0.33 -25.40 -9.50
CA VAL C 193 -0.73 -25.25 -10.50
C VAL C 193 -0.98 -26.59 -11.18
N THR C 194 -2.25 -27.02 -11.16
CA THR C 194 -2.65 -28.30 -11.75
C THR C 194 -3.69 -28.18 -12.85
N GLU C 195 -4.44 -27.08 -12.91
CA GLU C 195 -5.42 -26.83 -13.96
C GLU C 195 -5.34 -25.36 -14.34
N ALA C 196 -5.47 -25.07 -15.63
CA ALA C 196 -5.29 -23.69 -16.09
C ALA C 196 -6.21 -23.36 -17.25
N ALA C 197 -6.87 -22.22 -17.14
CA ALA C 197 -7.64 -21.63 -18.23
C ALA C 197 -7.69 -20.13 -17.99
N PRO C 198 -8.13 -19.34 -18.98
CA PRO C 198 -8.09 -17.88 -18.82
C PRO C 198 -8.77 -17.39 -17.54
N GLU C 199 -9.87 -18.03 -17.12
CA GLU C 199 -10.60 -17.59 -15.95
C GLU C 199 -10.80 -18.72 -14.94
N TYR C 200 -9.90 -19.69 -14.93
CA TYR C 200 -10.00 -20.81 -13.99
C TYR C 200 -8.59 -21.33 -13.73
N LEU C 201 -8.14 -21.24 -12.48
CA LEU C 201 -6.80 -21.67 -12.09
C LEU C 201 -6.88 -22.43 -10.78
N VAL C 202 -6.23 -23.59 -10.73
CA VAL C 202 -6.29 -24.47 -9.59
C VAL C 202 -4.89 -24.72 -9.08
N HIS C 203 -4.69 -24.52 -7.78
CA HIS C 203 -3.50 -24.97 -7.06
C HIS C 203 -3.94 -26.11 -6.15
N SER C 204 -3.28 -27.27 -6.25
CA SER C 204 -3.71 -28.40 -5.44
C SER C 204 -2.57 -29.38 -5.23
N LYS C 205 -2.76 -30.25 -4.24
CA LYS C 205 -1.80 -31.28 -3.87
C LYS C 205 -2.53 -32.43 -3.23
N THR C 206 -2.19 -33.65 -3.62
CA THR C 206 -2.75 -34.86 -3.05
C THR C 206 -1.79 -35.47 -2.03
N GLY C 207 -2.32 -36.42 -1.26
CA GLY C 207 -1.50 -37.15 -0.31
C GLY C 207 -2.23 -38.38 0.18
N PHE C 208 -1.46 -39.42 0.53
CA PHE C 208 -2.07 -40.69 0.94
C PHE C 208 -1.08 -41.47 1.80
N SER C 209 -1.55 -41.96 2.93
CA SER C 209 -0.70 -42.51 3.98
C SER C 209 -0.46 -44.01 3.83
N GLY C 210 -1.10 -44.67 2.87
CA GLY C 210 -1.19 -46.10 2.83
C GLY C 210 -2.52 -46.55 3.41
N VAL C 211 -2.77 -47.86 3.36
CA VAL C 211 -4.03 -48.34 3.89
C VAL C 211 -3.94 -48.71 5.36
N GLY C 212 -2.74 -48.75 5.92
CA GLY C 212 -2.59 -48.90 7.35
C GLY C 212 -3.27 -50.14 7.88
N THR C 213 -3.94 -50.02 9.02
CA THR C 213 -4.63 -51.16 9.60
C THR C 213 -6.14 -51.04 9.42
N GLU C 214 -6.80 -52.18 9.66
CA GLU C 214 -8.25 -52.20 9.78
C GLU C 214 -8.72 -51.21 10.84
N SER C 215 -8.37 -51.48 12.10
CA SER C 215 -8.87 -50.71 13.24
C SER C 215 -8.41 -49.28 13.20
N ASN C 216 -7.24 -49.01 12.61
CA ASN C 216 -6.73 -47.65 12.46
C ASN C 216 -6.41 -47.41 11.00
N PRO C 217 -7.30 -46.78 10.25
CA PRO C 217 -7.16 -46.73 8.79
C PRO C 217 -6.20 -45.64 8.33
N GLY C 218 -5.77 -45.79 7.08
CA GLY C 218 -4.99 -44.76 6.43
C GLY C 218 -5.86 -43.60 5.98
N VAL C 219 -5.20 -42.53 5.55
CA VAL C 219 -5.87 -41.29 5.19
C VAL C 219 -5.38 -40.82 3.84
N ALA C 220 -6.31 -40.35 3.00
CA ALA C 220 -5.99 -39.77 1.70
C ALA C 220 -6.47 -38.33 1.66
N TRP C 221 -5.62 -37.44 1.16
CA TRP C 221 -5.86 -36.01 1.19
C TRP C 221 -6.07 -35.45 -0.21
N TRP C 222 -6.84 -34.37 -0.30
CA TRP C 222 -6.80 -33.46 -1.43
C TRP C 222 -6.99 -32.04 -0.92
N VAL C 223 -6.01 -31.17 -1.15
CA VAL C 223 -6.07 -29.80 -0.64
C VAL C 223 -5.60 -28.84 -1.74
N GLY C 224 -6.13 -27.62 -1.70
CA GLY C 224 -5.75 -26.61 -2.66
C GLY C 224 -6.72 -25.45 -2.63
N TRP C 225 -6.70 -24.66 -3.69
CA TRP C 225 -7.70 -23.60 -3.85
C TRP C 225 -8.01 -23.43 -5.32
N VAL C 226 -9.21 -22.93 -5.59
CA VAL C 226 -9.71 -22.72 -6.94
C VAL C 226 -9.96 -21.23 -7.12
N GLU C 227 -9.36 -20.65 -8.15
CA GLU C 227 -9.62 -19.27 -8.55
C GLU C 227 -10.50 -19.31 -9.80
N LYS C 228 -11.78 -19.03 -9.62
CA LYS C 228 -12.74 -18.97 -10.72
C LYS C 228 -13.16 -17.53 -10.92
N GLU C 229 -12.93 -17.01 -12.13
N GLU C 229 -12.92 -17.00 -12.13
CA GLU C 229 -13.19 -15.60 -12.40
CA GLU C 229 -13.18 -15.59 -12.40
C GLU C 229 -12.48 -14.77 -11.33
C GLU C 229 -12.46 -14.75 -11.35
N THR C 230 -13.21 -13.94 -10.59
CA THR C 230 -12.60 -13.12 -9.54
C THR C 230 -12.82 -13.69 -8.14
N GLU C 231 -13.46 -14.85 -8.02
CA GLU C 231 -13.70 -15.49 -6.74
C GLU C 231 -12.65 -16.57 -6.48
N VAL C 232 -12.43 -16.86 -5.20
CA VAL C 232 -11.46 -17.87 -4.78
C VAL C 232 -12.11 -18.79 -3.75
N TYR C 233 -11.85 -20.09 -3.88
CA TYR C 233 -12.37 -21.10 -2.96
C TYR C 233 -11.21 -21.93 -2.44
N PHE C 234 -11.06 -21.99 -1.12
CA PHE C 234 -10.09 -22.84 -0.46
C PHE C 234 -10.76 -24.15 -0.07
N PHE C 235 -10.09 -25.27 -0.31
CA PHE C 235 -10.68 -26.56 -0.02
C PHE C 235 -9.64 -27.51 0.57
N ALA C 236 -10.12 -28.39 1.44
CA ALA C 236 -9.34 -29.45 2.05
C ALA C 236 -10.24 -30.66 2.24
N PHE C 237 -9.80 -31.81 1.73
CA PHE C 237 -10.54 -33.05 1.83
C PHE C 237 -9.63 -34.14 2.39
N ASN C 238 -10.17 -34.97 3.29
CA ASN C 238 -9.51 -36.22 3.67
C ASN C 238 -10.57 -37.27 3.92
N MET C 239 -10.14 -38.53 3.86
CA MET C 239 -11.02 -39.69 3.99
C MET C 239 -10.22 -40.88 4.51
N ASP C 240 -10.87 -41.69 5.34
CA ASP C 240 -10.35 -43.03 5.60
C ASP C 240 -10.56 -43.91 4.38
N ILE C 241 -9.54 -44.69 4.02
CA ILE C 241 -9.54 -45.50 2.81
C ILE C 241 -9.39 -46.96 3.22
N ASP C 242 -10.35 -47.79 2.79
CA ASP C 242 -10.39 -49.18 3.23
C ASP C 242 -9.57 -50.11 2.35
N ASN C 243 -9.48 -49.86 1.05
CA ASN C 243 -8.68 -50.70 0.17
C ASN C 243 -8.27 -49.88 -1.05
N GLU C 244 -7.35 -50.45 -1.83
CA GLU C 244 -6.73 -49.70 -2.92
C GLU C 244 -7.76 -49.16 -3.90
N SER C 245 -8.90 -49.84 -4.05
CA SER C 245 -9.88 -49.42 -5.04
C SER C 245 -10.70 -48.21 -4.61
N LYS C 246 -10.56 -47.76 -3.37
CA LYS C 246 -11.32 -46.61 -2.88
C LYS C 246 -10.62 -45.28 -3.12
N LEU C 247 -9.34 -45.30 -3.52
CA LEU C 247 -8.60 -44.05 -3.64
C LEU C 247 -9.18 -43.10 -4.69
N PRO C 248 -9.75 -43.56 -5.81
CA PRO C 248 -10.40 -42.62 -6.74
C PRO C 248 -11.43 -41.73 -6.07
N LEU C 249 -12.04 -42.19 -4.97
CA LEU C 249 -13.07 -41.40 -4.31
C LEU C 249 -12.51 -40.12 -3.70
N ARG C 250 -11.21 -40.11 -3.38
CA ARG C 250 -10.58 -38.92 -2.82
C ARG C 250 -10.70 -37.72 -3.75
N LYS C 251 -10.86 -37.96 -5.05
CA LYS C 251 -11.05 -36.87 -6.00
C LYS C 251 -12.50 -36.74 -6.45
N SER C 252 -13.22 -37.85 -6.60
CA SER C 252 -14.56 -37.77 -7.18
C SER C 252 -15.56 -37.17 -6.20
N ILE C 253 -15.44 -37.47 -4.92
CA ILE C 253 -16.38 -36.96 -3.91
C ILE C 253 -16.26 -35.44 -3.82
N PRO C 254 -15.07 -34.89 -3.54
CA PRO C 254 -14.96 -33.41 -3.54
C PRO C 254 -15.28 -32.79 -4.89
N THR C 255 -14.98 -33.48 -5.99
CA THR C 255 -15.33 -32.96 -7.31
C THR C 255 -16.84 -32.83 -7.45
N LYS C 256 -17.57 -33.86 -7.03
CA LYS C 256 -19.03 -33.80 -7.12
C LYS C 256 -19.59 -32.65 -6.28
N ILE C 257 -19.04 -32.45 -5.08
CA ILE C 257 -19.52 -31.37 -4.23
C ILE C 257 -19.28 -30.02 -4.89
N MET C 258 -18.07 -29.83 -5.44
CA MET C 258 -17.75 -28.56 -6.09
C MET C 258 -18.57 -28.38 -7.38
N GLU C 259 -18.95 -29.48 -8.03
CA GLU C 259 -19.85 -29.37 -9.18
C GLU C 259 -21.22 -28.86 -8.74
N SER C 260 -21.78 -29.44 -7.68
CA SER C 260 -23.12 -29.05 -7.24
C SER C 260 -23.12 -27.66 -6.62
N GLU C 261 -21.99 -27.22 -6.06
CA GLU C 261 -21.87 -25.85 -5.58
C GLU C 261 -21.71 -24.85 -6.73
N GLY C 262 -21.59 -25.33 -7.96
CA GLY C 262 -21.44 -24.44 -9.10
C GLY C 262 -20.04 -23.96 -9.35
N ILE C 263 -19.04 -24.55 -8.70
CA ILE C 263 -17.66 -24.12 -8.88
C ILE C 263 -17.09 -24.68 -10.18
N ILE C 264 -17.18 -26.00 -10.36
CA ILE C 264 -16.83 -26.62 -11.63
C ILE C 264 -17.98 -26.41 -12.60
N GLY C 265 -17.65 -25.95 -13.80
CA GLY C 265 -18.66 -25.72 -14.83
C GLY C 265 -19.35 -24.38 -14.67
N SER D 21 -15.84 -2.10 21.88
CA SER D 21 -16.24 -2.34 23.27
C SER D 21 -15.94 -1.11 24.12
N ILE D 22 -16.80 -0.85 25.09
CA ILE D 22 -16.65 0.29 25.98
C ILE D 22 -16.68 -0.19 27.43
N THR D 23 -15.74 0.31 28.23
CA THR D 23 -15.62 -0.04 29.63
C THR D 23 -16.08 1.12 30.49
N GLU D 24 -16.74 0.83 31.60
CA GLU D 24 -17.13 1.86 32.55
C GLU D 24 -16.06 1.98 33.63
N ASN D 25 -15.62 3.21 33.89
CA ASN D 25 -14.70 3.51 34.99
C ASN D 25 -15.48 4.32 36.01
N MET D 26 -15.94 3.64 37.07
CA MET D 26 -16.79 4.30 38.05
C MET D 26 -16.02 5.40 38.79
N SER D 27 -14.72 5.22 38.98
CA SER D 27 -13.93 6.23 39.69
C SER D 27 -13.92 7.57 38.97
N TRP D 28 -14.22 7.59 37.68
CA TRP D 28 -14.20 8.84 36.91
C TRP D 28 -15.39 9.73 37.21
N ASN D 29 -16.33 9.31 38.06
CA ASN D 29 -17.45 10.15 38.44
C ASN D 29 -17.14 11.06 39.61
N LYS D 30 -15.92 11.01 40.15
CA LYS D 30 -15.60 11.79 41.34
C LYS D 30 -15.88 13.27 41.10
N GLU D 31 -15.25 13.84 40.07
CA GLU D 31 -15.38 15.28 39.83
C GLU D 31 -16.81 15.65 39.46
N PHE D 32 -17.50 14.79 38.70
CA PHE D 32 -18.89 15.04 38.36
C PHE D 32 -19.73 15.16 39.62
N SER D 33 -19.55 14.23 40.56
CA SER D 33 -20.35 14.24 41.77
C SER D 33 -20.01 15.43 42.67
N ALA D 34 -18.72 15.73 42.81
CA ALA D 34 -18.32 16.80 43.71
C ALA D 34 -18.85 18.16 43.27
N GLU D 35 -19.07 18.33 41.97
CA GLU D 35 -19.61 19.57 41.44
C GLU D 35 -21.11 19.51 41.18
N ALA D 36 -21.74 18.35 41.43
CA ALA D 36 -23.17 18.16 41.22
C ALA D 36 -23.55 18.50 39.76
N VAL D 37 -23.05 17.66 38.87
CA VAL D 37 -23.13 17.90 37.44
C VAL D 37 -23.39 16.57 36.73
N ASN D 38 -24.19 16.63 35.66
CA ASN D 38 -24.50 15.47 34.84
C ASN D 38 -23.73 15.58 33.53
N GLY D 39 -22.81 14.64 33.30
CA GLY D 39 -22.01 14.65 32.10
C GLY D 39 -21.34 13.31 31.91
N VAL D 40 -20.64 13.19 30.78
CA VAL D 40 -19.93 11.97 30.42
C VAL D 40 -18.61 12.32 29.74
N PHE D 41 -17.60 11.50 30.00
CA PHE D 41 -16.31 11.58 29.32
C PHE D 41 -16.06 10.23 28.67
N VAL D 42 -15.73 10.25 27.39
CA VAL D 42 -15.35 9.05 26.65
C VAL D 42 -13.89 9.22 26.22
N LEU D 43 -13.07 8.23 26.55
CA LEU D 43 -11.63 8.30 26.29
C LEU D 43 -11.19 6.96 25.74
N CYS D 44 -10.52 7.01 24.58
CA CYS D 44 -10.17 5.80 23.84
C CYS D 44 -8.69 5.85 23.48
N LYS D 45 -7.99 4.74 23.72
CA LYS D 45 -6.58 4.63 23.40
C LYS D 45 -6.41 3.85 22.11
N SER D 46 -5.58 4.38 21.21
CA SER D 46 -5.23 3.71 19.96
C SER D 46 -6.38 3.68 18.95
N SER D 47 -7.55 3.26 19.40
CA SER D 47 -8.70 3.12 18.51
C SER D 47 -9.97 3.19 19.33
N SER D 48 -11.11 3.35 18.65
CA SER D 48 -12.40 3.33 19.33
C SER D 48 -12.84 1.92 19.71
N LYS D 49 -11.98 0.92 19.49
CA LYS D 49 -12.22 -0.43 19.97
C LYS D 49 -11.68 -0.66 21.38
N SER D 50 -11.17 0.40 22.02
CA SER D 50 -10.59 0.32 23.35
C SER D 50 -10.94 1.61 24.12
N CYS D 51 -12.22 1.78 24.42
CA CYS D 51 -12.73 2.99 25.03
C CYS D 51 -13.18 2.73 26.46
N ALA D 52 -13.11 3.78 27.28
CA ALA D 52 -13.59 3.76 28.65
C ALA D 52 -14.39 5.03 28.90
N THR D 53 -15.35 4.94 29.81
CA THR D 53 -16.18 6.09 30.14
C THR D 53 -16.65 6.00 31.59
N ASN D 54 -17.10 7.13 32.12
CA ASN D 54 -17.66 7.17 33.46
C ASN D 54 -19.12 6.75 33.50
N ASP D 55 -19.81 6.77 32.36
CA ASP D 55 -21.25 6.52 32.33
C ASP D 55 -21.58 5.87 30.99
N LEU D 56 -21.77 4.54 31.02
CA LEU D 56 -22.06 3.82 29.78
C LEU D 56 -23.35 4.31 29.14
N ALA D 57 -24.36 4.61 29.96
CA ALA D 57 -25.66 5.01 29.42
C ALA D 57 -25.58 6.35 28.70
N ARG D 58 -24.93 7.33 29.31
CA ARG D 58 -24.87 8.67 28.71
C ARG D 58 -23.91 8.72 27.53
N ALA D 59 -22.89 7.86 27.51
CA ALA D 59 -21.95 7.86 26.40
C ALA D 59 -22.67 7.70 25.06
N SER D 60 -23.81 7.02 25.06
CA SER D 60 -24.58 6.83 23.84
C SER D 60 -25.68 7.86 23.64
N LYS D 61 -25.92 8.72 24.63
CA LYS D 61 -26.99 9.71 24.52
C LYS D 61 -26.55 10.87 23.64
N GLU D 62 -27.47 11.34 22.80
CA GLU D 62 -27.17 12.26 21.72
C GLU D 62 -27.60 13.67 22.08
N TYR D 63 -26.80 14.65 21.66
CA TYR D 63 -27.03 16.04 22.01
C TYR D 63 -26.73 16.95 20.84
N LEU D 64 -27.34 18.13 20.87
CA LEU D 64 -26.98 19.19 19.93
C LEU D 64 -25.46 19.33 19.87
N PRO D 65 -24.85 19.26 18.69
CA PRO D 65 -23.38 19.39 18.62
C PRO D 65 -22.88 20.80 18.85
N ALA D 66 -23.70 21.83 18.63
CA ALA D 66 -23.27 23.24 18.77
C ALA D 66 -22.02 23.42 17.91
N SER D 67 -20.96 24.08 18.39
CA SER D 67 -19.86 24.43 17.50
C SER D 67 -18.98 23.26 17.12
N THR D 68 -19.08 22.11 17.79
CA THR D 68 -18.32 20.95 17.32
C THR D 68 -18.71 20.61 15.89
N PHE D 69 -19.84 21.12 15.42
CA PHE D 69 -20.29 20.84 14.05
C PHE D 69 -19.45 21.57 13.02
N KCX D 70 -18.67 22.54 13.45
CA KCX D 70 -17.83 23.29 12.53
CB KCX D 70 -17.14 24.44 13.25
CG KCX D 70 -18.10 25.56 13.63
CD KCX D 70 -17.40 26.81 14.12
CE KCX D 70 -18.35 27.99 14.22
NZ KCX D 70 -19.42 27.75 15.22
C KCX D 70 -16.81 22.36 11.86
O KCX D 70 -16.32 22.66 10.76
CX KCX D 70 -20.59 27.22 14.87
OQ1 KCX D 70 -21.46 27.01 15.72
OQ2 KCX D 70 -20.81 26.92 13.68
H KCX D 70 -18.61 22.79 14.27
HA KCX D 70 -18.38 23.67 11.81
HB2 KCX D 70 -16.74 24.11 14.06
HB3 KCX D 70 -16.46 24.82 12.67
HG2 KCX D 70 -18.63 25.80 12.86
HG3 KCX D 70 -18.68 25.25 14.34
HD2 KCX D 70 -17.01 26.64 15.00
HD3 KCX D 70 -16.68 27.04 13.49
HE2 KCX D 70 -18.76 28.14 13.36
HE3 KCX D 70 -17.85 28.77 14.50
HZ KCX D 70 -19.26 27.96 16.15
N ILE D 71 -16.50 21.24 12.50
CA ILE D 71 -15.55 20.29 11.92
C ILE D 71 -16.16 19.66 10.67
N PRO D 72 -17.29 18.95 10.79
CA PRO D 72 -17.91 18.40 9.58
C PRO D 72 -18.31 19.49 8.59
N ASN D 73 -18.84 20.61 9.09
CA ASN D 73 -19.20 21.72 8.23
C ASN D 73 -18.00 22.21 7.42
N ALA D 74 -16.84 22.33 8.07
CA ALA D 74 -15.64 22.76 7.36
C ALA D 74 -15.26 21.78 6.26
N ILE D 75 -15.36 20.48 6.55
CA ILE D 75 -15.01 19.47 5.55
C ILE D 75 -15.99 19.52 4.40
N ILE D 76 -17.29 19.60 4.71
CA ILE D 76 -18.32 19.62 3.67
C ILE D 76 -18.16 20.87 2.81
N GLY D 77 -17.86 22.00 3.42
CA GLY D 77 -17.64 23.21 2.65
C GLY D 77 -16.52 23.05 1.64
N LEU D 78 -15.46 22.32 2.02
CA LEU D 78 -14.37 22.08 1.09
C LEU D 78 -14.77 21.08 0.02
N GLU D 79 -15.38 19.97 0.42
CA GLU D 79 -15.76 18.93 -0.53
C GLU D 79 -16.61 19.49 -1.65
N THR D 80 -17.45 20.47 -1.34
CA THR D 80 -18.44 20.99 -2.28
C THR D 80 -17.94 22.20 -3.05
N GLY D 81 -16.75 22.71 -2.74
CA GLY D 81 -16.24 23.89 -3.39
C GLY D 81 -16.72 25.19 -2.80
N VAL D 82 -17.64 25.16 -1.83
CA VAL D 82 -18.02 26.37 -1.13
C VAL D 82 -16.79 27.04 -0.52
N ILE D 83 -15.92 26.26 0.09
CA ILE D 83 -14.61 26.72 0.54
C ILE D 83 -13.62 26.41 -0.58
N LYS D 84 -13.03 27.44 -1.16
CA LYS D 84 -12.22 27.25 -2.36
C LYS D 84 -11.11 26.26 -2.13
N ASN D 85 -10.32 26.50 -1.10
CA ASN D 85 -9.16 25.69 -0.80
C ASN D 85 -8.69 26.07 0.59
N GLU D 86 -7.55 25.53 1.00
CA GLU D 86 -7.00 25.75 2.33
C GLU D 86 -6.69 27.22 2.59
N HIS D 87 -6.53 28.03 1.54
CA HIS D 87 -6.14 29.42 1.70
C HIS D 87 -7.32 30.38 1.56
N GLN D 88 -8.55 29.87 1.58
CA GLN D 88 -9.71 30.73 1.53
C GLN D 88 -9.66 31.75 2.66
N VAL D 89 -9.92 33.01 2.33
CA VAL D 89 -10.10 34.06 3.32
C VAL D 89 -11.59 34.39 3.36
N PHE D 90 -12.15 34.45 4.56
CA PHE D 90 -13.53 34.85 4.77
C PHE D 90 -13.52 36.32 5.16
N LYS D 91 -13.97 37.16 4.24
CA LYS D 91 -13.91 38.60 4.43
C LYS D 91 -15.01 39.10 5.33
N TRP D 92 -14.68 40.10 6.15
CA TRP D 92 -15.67 40.77 6.96
C TRP D 92 -16.19 42.00 6.21
N ASP D 93 -17.50 42.05 5.98
CA ASP D 93 -18.08 43.13 5.20
C ASP D 93 -18.17 44.45 5.96
N GLY D 94 -17.74 44.49 7.22
CA GLY D 94 -17.76 45.70 8.00
C GLY D 94 -19.02 45.94 8.80
N LYS D 95 -20.08 45.17 8.53
CA LYS D 95 -21.31 45.32 9.29
C LYS D 95 -21.23 44.53 10.60
N PRO D 96 -21.95 44.97 11.63
CA PRO D 96 -21.73 44.41 12.97
C PRO D 96 -21.98 42.91 13.03
N ARG D 97 -21.17 42.23 13.84
CA ARG D 97 -21.37 40.83 14.19
C ARG D 97 -21.56 40.75 15.70
N ALA D 98 -22.02 39.58 16.16
CA ALA D 98 -22.39 39.43 17.57
C ALA D 98 -21.17 39.56 18.49
N MET D 99 -19.98 39.23 17.99
CA MET D 99 -18.77 39.30 18.80
C MET D 99 -17.68 40.05 18.04
N LYS D 100 -16.96 40.91 18.75
CA LYS D 100 -15.89 41.69 18.13
C LYS D 100 -14.74 40.81 17.67
N GLN D 101 -14.57 39.63 18.26
CA GLN D 101 -13.53 38.71 17.79
C GLN D 101 -13.78 38.23 16.37
N TRP D 102 -15.00 38.37 15.86
CA TRP D 102 -15.34 37.93 14.52
C TRP D 102 -15.30 39.05 13.49
N GLU D 103 -15.13 40.30 13.92
CA GLU D 103 -15.22 41.45 13.00
C GLU D 103 -13.85 41.66 12.34
N ARG D 104 -13.52 40.73 11.44
CA ARG D 104 -12.22 40.74 10.79
C ARG D 104 -12.19 39.66 9.72
N ASP D 105 -11.24 39.80 8.79
CA ASP D 105 -10.98 38.74 7.83
C ASP D 105 -10.37 37.54 8.55
N LEU D 106 -10.77 36.34 8.15
CA LEU D 106 -10.34 35.14 8.85
C LEU D 106 -9.99 34.04 7.87
N THR D 107 -8.94 33.29 8.19
CA THR D 107 -8.66 32.03 7.52
C THR D 107 -9.67 30.97 7.98
N LEU D 108 -9.67 29.84 7.28
CA LEU D 108 -10.47 28.71 7.74
C LEU D 108 -10.07 28.29 9.14
N ARG D 109 -8.76 28.22 9.40
CA ARG D 109 -8.29 27.94 10.75
C ARG D 109 -8.79 28.98 11.73
N GLY D 110 -8.62 30.26 11.37
CA GLY D 110 -9.12 31.32 12.24
C GLY D 110 -10.60 31.20 12.50
N ALA D 111 -11.38 30.98 11.44
CA ALA D 111 -12.82 30.83 11.59
C ALA D 111 -13.15 29.72 12.58
N ILE D 112 -12.46 28.58 12.47
CA ILE D 112 -12.76 27.46 13.34
C ILE D 112 -12.33 27.77 14.77
N GLN D 113 -11.13 28.34 14.94
CA GLN D 113 -10.57 28.47 16.28
C GLN D 113 -11.27 29.56 17.09
N VAL D 114 -11.70 30.64 16.45
CA VAL D 114 -12.44 31.68 17.16
C VAL D 114 -13.93 31.38 17.08
N SER D 115 -14.27 30.23 16.51
CA SER D 115 -15.66 29.77 16.43
C SER D 115 -16.57 30.84 15.84
N ALA D 116 -16.27 31.22 14.60
CA ALA D 116 -16.97 32.30 13.92
C ALA D 116 -18.28 31.76 13.35
N LEU D 117 -19.29 31.69 14.20
CA LEU D 117 -20.63 31.23 13.79
C LEU D 117 -21.09 31.84 12.47
N PRO D 118 -21.11 33.17 12.28
CA PRO D 118 -21.63 33.71 11.02
C PRO D 118 -20.92 33.20 9.79
N VAL D 119 -19.62 32.92 9.89
CA VAL D 119 -18.89 32.39 8.74
C VAL D 119 -19.44 31.02 8.37
N PHE D 120 -19.75 30.19 9.37
CA PHE D 120 -20.20 28.83 9.12
C PHE D 120 -21.70 28.73 8.87
N GLN D 121 -22.47 29.75 9.27
CA GLN D 121 -23.85 29.82 8.80
C GLN D 121 -23.89 30.11 7.30
N GLN D 122 -23.06 31.05 6.85
CA GLN D 122 -22.99 31.33 5.41
C GLN D 122 -22.51 30.11 4.64
N ILE D 123 -21.51 29.39 5.18
CA ILE D 123 -21.04 28.18 4.51
C ILE D 123 -22.19 27.20 4.32
N ALA D 124 -23.00 26.99 5.36
CA ALA D 124 -24.07 26.01 5.30
C ALA D 124 -25.07 26.36 4.20
N ARG D 125 -25.48 27.62 4.12
CA ARG D 125 -26.46 28.02 3.12
C ARG D 125 -25.95 27.72 1.71
N GLU D 126 -24.68 28.01 1.44
CA GLU D 126 -24.12 27.74 0.12
C GLU D 126 -24.07 26.24 -0.14
N VAL D 127 -23.78 25.45 0.88
CA VAL D 127 -23.82 24.00 0.73
C VAL D 127 -25.22 23.55 0.32
N GLY D 128 -26.23 24.04 1.03
CA GLY D 128 -27.59 23.67 0.74
C GLY D 128 -27.98 22.34 1.38
N GLU D 129 -29.30 22.12 1.43
CA GLU D 129 -29.83 20.98 2.18
C GLU D 129 -29.49 19.66 1.51
N VAL D 130 -29.64 19.58 0.18
CA VAL D 130 -29.42 18.32 -0.51
C VAL D 130 -28.03 17.77 -0.17
N ARG D 131 -27.02 18.64 -0.22
CA ARG D 131 -25.64 18.18 -0.06
C ARG D 131 -25.27 18.02 1.41
N MET D 132 -25.67 18.96 2.26
CA MET D 132 -25.48 18.79 3.70
C MET D 132 -26.06 17.46 4.16
N GLN D 133 -27.30 17.17 3.77
CA GLN D 133 -27.93 15.91 4.15
C GLN D 133 -27.13 14.73 3.62
N LYS D 134 -26.62 14.85 2.41
CA LYS D 134 -25.86 13.76 1.85
C LYS D 134 -24.63 13.45 2.67
N TYR D 135 -23.86 14.48 3.02
CA TYR D 135 -22.60 14.24 3.69
C TYR D 135 -22.81 13.78 5.13
N LEU D 136 -23.85 14.27 5.80
CA LEU D 136 -24.11 13.78 7.14
C LEU D 136 -24.44 12.30 7.15
N LYS D 137 -25.08 11.79 6.09
CA LYS D 137 -25.24 10.35 5.95
C LYS D 137 -23.90 9.69 5.67
N LYS D 138 -23.10 10.27 4.77
CA LYS D 138 -21.77 9.71 4.49
C LYS D 138 -20.95 9.62 5.76
N PHE D 139 -21.00 10.67 6.60
CA PHE D 139 -20.20 10.73 7.82
C PHE D 139 -20.80 9.93 8.97
N SER D 140 -22.00 9.38 8.80
CA SER D 140 -22.72 8.75 9.89
C SER D 140 -22.76 9.67 11.11
N TYR D 141 -23.17 10.92 10.87
CA TYR D 141 -23.07 11.97 11.89
C TYR D 141 -24.38 12.04 12.67
N GLY D 142 -24.41 11.41 13.84
CA GLY D 142 -25.52 11.50 14.75
C GLY D 142 -26.80 10.98 14.13
N ASN D 143 -27.93 11.57 14.55
CA ASN D 143 -29.22 11.22 13.99
C ASN D 143 -29.44 11.81 12.60
N GLN D 144 -28.46 12.54 12.05
CA GLN D 144 -28.49 13.01 10.67
C GLN D 144 -29.73 13.84 10.37
N ASN D 145 -30.31 14.46 11.41
CA ASN D 145 -31.52 15.26 11.30
C ASN D 145 -31.12 16.73 11.25
N ILE D 146 -31.27 17.35 10.08
CA ILE D 146 -30.84 18.74 9.92
C ILE D 146 -32.05 19.66 9.82
N SER D 147 -33.18 19.24 10.40
CA SER D 147 -34.32 20.11 10.52
C SER D 147 -34.02 21.25 11.49
N GLY D 148 -34.68 22.37 11.29
CA GLY D 148 -34.51 23.54 12.13
C GLY D 148 -33.95 24.75 11.41
N GLY D 149 -33.60 24.65 10.13
CA GLY D 149 -32.97 25.75 9.43
C GLY D 149 -31.58 25.39 8.97
N ILE D 150 -31.28 25.63 7.68
CA ILE D 150 -30.02 25.18 7.12
C ILE D 150 -28.82 25.83 7.80
N ASP D 151 -29.02 26.98 8.44
CA ASP D 151 -27.95 27.68 9.13
C ASP D 151 -28.11 27.61 10.64
N LYS D 152 -28.99 26.76 11.15
CA LYS D 152 -29.14 26.67 12.61
C LYS D 152 -29.48 25.27 13.11
N PHE D 153 -29.51 24.24 12.25
CA PHE D 153 -29.94 22.93 12.72
C PHE D 153 -29.01 22.38 13.80
N TRP D 154 -27.72 22.75 13.77
CA TRP D 154 -26.76 22.27 14.75
C TRP D 154 -26.68 23.13 16.00
N LEU D 155 -27.33 24.29 16.01
CA LEU D 155 -27.36 25.17 17.18
C LEU D 155 -28.65 25.07 17.96
N GLU D 156 -29.80 25.02 17.28
CA GLU D 156 -31.10 25.00 17.93
C GLU D 156 -32.09 24.13 17.17
N GLY D 157 -31.63 23.33 16.22
CA GLY D 157 -32.47 22.45 15.46
C GLY D 157 -32.55 21.06 16.05
N GLN D 158 -32.71 20.07 15.17
CA GLN D 158 -33.02 18.71 15.58
C GLN D 158 -31.83 17.77 15.47
N LEU D 159 -30.65 18.26 15.11
CA LEU D 159 -29.48 17.40 15.01
C LEU D 159 -28.98 17.02 16.40
N ARG D 160 -28.61 15.75 16.55
CA ARG D 160 -28.14 15.21 17.82
C ARG D 160 -27.02 14.22 17.57
N ILE D 161 -26.03 14.20 18.47
CA ILE D 161 -24.89 13.30 18.33
C ILE D 161 -24.37 12.94 19.71
N SER D 162 -23.88 11.72 19.85
CA SER D 162 -23.38 11.20 21.11
C SER D 162 -21.88 11.38 21.22
N ALA D 163 -21.38 11.28 22.47
CA ALA D 163 -19.95 11.30 22.69
C ALA D 163 -19.27 10.15 21.96
N VAL D 164 -19.86 8.95 22.01
CA VAL D 164 -19.31 7.82 21.27
C VAL D 164 -19.25 8.14 19.78
N ASN D 165 -20.31 8.74 19.24
CA ASN D 165 -20.34 9.06 17.82
C ASN D 165 -19.27 10.08 17.47
N GLN D 166 -19.05 11.08 18.33
CA GLN D 166 -18.00 12.06 18.09
C GLN D 166 -16.64 11.38 17.97
N VAL D 167 -16.34 10.46 18.89
CA VAL D 167 -15.07 9.75 18.84
C VAL D 167 -14.94 8.97 17.54
N GLU D 168 -16.00 8.24 17.17
CA GLU D 168 -15.96 7.48 15.91
C GLU D 168 -15.69 8.42 14.74
N PHE D 169 -16.42 9.53 14.67
CA PHE D 169 -16.22 10.50 13.60
C PHE D 169 -14.81 11.05 13.61
N LEU D 170 -14.32 11.43 14.80
CA LEU D 170 -12.99 12.02 14.89
C LEU D 170 -11.91 11.00 14.56
N GLU D 171 -12.10 9.74 14.99
CA GLU D 171 -11.15 8.70 14.62
C GLU D 171 -11.08 8.57 13.10
N SER D 172 -12.23 8.56 12.44
CA SER D 172 -12.25 8.49 10.99
C SER D 172 -11.46 9.64 10.38
N LEU D 173 -11.61 10.85 10.93
CA LEU D 173 -10.86 12.00 10.42
C LEU D 173 -9.37 11.78 10.61
N TYR D 174 -8.95 11.44 11.83
CA TYR D 174 -7.55 11.13 12.11
C TYR D 174 -6.98 10.18 11.06
N LEU D 175 -7.75 9.16 10.69
CA LEU D 175 -7.29 8.12 9.78
C LEU D 175 -7.50 8.47 8.32
N ASN D 176 -8.11 9.62 8.02
CA ASN D 176 -8.44 10.01 6.65
C ASN D 176 -9.45 9.06 6.02
N LYS D 177 -10.31 8.47 6.84
CA LYS D 177 -11.25 7.45 6.37
C LYS D 177 -12.66 7.96 6.17
N LEU D 178 -12.91 9.25 6.43
CA LEU D 178 -14.20 9.82 6.10
C LEU D 178 -14.41 9.80 4.59
N SER D 179 -15.69 9.76 4.18
CA SER D 179 -16.03 9.85 2.77
C SER D 179 -15.76 11.25 2.24
N ALA D 180 -14.48 11.62 2.17
CA ALA D 180 -14.04 12.90 1.64
C ALA D 180 -12.57 12.73 1.25
N SER D 181 -12.10 13.63 0.40
CA SER D 181 -10.71 13.57 -0.02
C SER D 181 -9.78 13.64 1.18
N LYS D 182 -8.64 12.95 1.08
CA LYS D 182 -7.62 13.07 2.12
C LYS D 182 -7.14 14.51 2.22
N GLU D 183 -6.96 15.16 1.07
CA GLU D 183 -6.66 16.59 0.99
C GLU D 183 -7.41 17.40 2.03
N ASN D 184 -8.74 17.32 2.00
CA ASN D 184 -9.55 18.21 2.82
C ASN D 184 -9.63 17.75 4.27
N GLN D 185 -9.56 16.43 4.51
CA GLN D 185 -9.42 15.97 5.89
C GLN D 185 -8.12 16.48 6.50
N LEU D 186 -7.05 16.52 5.70
CA LEU D 186 -5.78 17.03 6.19
C LEU D 186 -5.84 18.54 6.40
N ILE D 187 -6.57 19.25 5.52
CA ILE D 187 -6.70 20.69 5.66
C ILE D 187 -7.39 21.02 6.99
N VAL D 188 -8.50 20.34 7.28
CA VAL D 188 -9.25 20.64 8.49
C VAL D 188 -8.48 20.19 9.73
N LYS D 189 -7.72 19.12 9.62
CA LYS D 189 -6.96 18.64 10.77
C LYS D 189 -5.97 19.69 11.26
N GLU D 190 -5.13 20.23 10.37
CA GLU D 190 -4.21 21.27 10.83
C GLU D 190 -4.98 22.46 11.40
N ALA D 191 -6.13 22.79 10.81
CA ALA D 191 -6.95 23.87 11.34
C ALA D 191 -7.40 23.60 12.77
N LEU D 192 -7.42 22.34 13.19
CA LEU D 192 -7.88 21.99 14.54
C LEU D 192 -6.74 21.89 15.55
N VAL D 193 -5.50 22.09 15.13
CA VAL D 193 -4.37 21.98 16.05
C VAL D 193 -4.46 23.08 17.10
N THR D 194 -4.36 22.69 18.37
CA THR D 194 -4.47 23.62 19.49
C THR D 194 -3.26 23.64 20.41
N GLU D 195 -2.53 22.54 20.51
CA GLU D 195 -1.30 22.46 21.31
C GLU D 195 -0.28 21.70 20.49
N ALA D 196 0.97 22.15 20.54
CA ALA D 196 2.01 21.54 19.71
C ALA D 196 3.36 21.51 20.43
N ALA D 197 3.96 20.34 20.45
CA ALA D 197 5.34 20.17 20.86
C ALA D 197 5.94 19.05 20.02
N PRO D 198 7.26 18.85 20.08
CA PRO D 198 7.88 17.84 19.20
C PRO D 198 7.22 16.47 19.28
N GLU D 199 6.78 16.04 20.45
CA GLU D 199 6.20 14.72 20.63
C GLU D 199 4.83 14.79 21.29
N TYR D 200 4.12 15.90 21.10
CA TYR D 200 2.80 16.08 21.69
C TYR D 200 2.00 17.01 20.81
N LEU D 201 0.92 16.49 20.22
CA LEU D 201 0.05 17.25 19.32
C LEU D 201 -1.40 17.03 19.73
N VAL D 202 -2.18 18.10 19.69
CA VAL D 202 -3.58 18.06 20.10
C VAL D 202 -4.44 18.69 19.01
N HIS D 203 -5.47 17.97 18.59
CA HIS D 203 -6.57 18.50 17.80
C HIS D 203 -7.81 18.51 18.67
N SER D 204 -8.48 19.66 18.79
CA SER D 204 -9.66 19.72 19.65
C SER D 204 -10.57 20.87 19.22
N LYS D 205 -11.82 20.80 19.69
CA LYS D 205 -12.85 21.76 19.38
C LYS D 205 -13.89 21.74 20.50
N THR D 206 -14.32 22.93 20.92
CA THR D 206 -15.32 23.07 21.97
C THR D 206 -16.67 23.46 21.37
N GLY D 207 -17.71 23.33 22.17
CA GLY D 207 -19.05 23.72 21.76
C GLY D 207 -19.94 23.88 22.96
N PHE D 208 -20.88 24.83 22.85
CA PHE D 208 -21.81 25.13 23.94
C PHE D 208 -23.09 25.70 23.33
N SER D 209 -24.22 25.11 23.68
CA SER D 209 -25.50 25.48 23.09
C SER D 209 -26.23 26.58 23.84
N GLY D 210 -25.75 26.97 25.00
CA GLY D 210 -26.41 27.97 25.80
C GLY D 210 -27.11 27.36 27.00
N VAL D 211 -27.27 28.16 28.05
CA VAL D 211 -27.89 27.68 29.27
C VAL D 211 -29.33 27.30 29.01
N GLY D 212 -29.74 26.13 29.51
CA GLY D 212 -31.11 25.70 29.48
C GLY D 212 -31.71 25.63 30.87
N THR D 213 -32.89 25.02 30.94
CA THR D 213 -33.55 24.82 32.22
C THR D 213 -33.06 23.54 32.88
N GLU D 214 -33.29 23.44 34.19
CA GLU D 214 -32.94 22.23 34.93
C GLU D 214 -33.58 20.99 34.30
N SER D 215 -34.69 21.16 33.60
CA SER D 215 -35.42 20.05 33.00
C SER D 215 -35.14 19.87 31.53
N ASN D 216 -34.76 20.94 30.83
CA ASN D 216 -34.40 20.88 29.40
C ASN D 216 -33.08 21.62 29.23
N PRO D 217 -31.98 21.08 29.75
CA PRO D 217 -30.75 21.88 29.84
C PRO D 217 -30.01 21.96 28.51
N GLY D 218 -29.08 22.92 28.45
CA GLY D 218 -28.15 23.03 27.35
C GLY D 218 -27.08 21.97 27.45
N VAL D 219 -26.09 22.08 26.56
CA VAL D 219 -24.99 21.13 26.50
C VAL D 219 -23.70 21.85 26.18
N ALA D 220 -22.61 21.43 26.82
CA ALA D 220 -21.28 21.94 26.55
C ALA D 220 -20.37 20.76 26.19
N TRP D 221 -19.56 20.95 25.16
CA TRP D 221 -18.74 19.87 24.59
C TRP D 221 -17.25 20.19 24.71
N TRP D 222 -16.44 19.14 24.79
CA TRP D 222 -15.02 19.20 24.45
C TRP D 222 -14.68 17.89 23.74
N VAL D 223 -14.23 18.00 22.48
CA VAL D 223 -13.90 16.81 21.68
C VAL D 223 -12.59 17.04 20.94
N GLY D 224 -11.89 15.96 20.67
CA GLY D 224 -10.62 16.03 19.97
C GLY D 224 -9.83 14.74 20.18
N TRP D 225 -8.52 14.83 19.91
CA TRP D 225 -7.64 13.71 20.19
C TRP D 225 -6.25 14.20 20.52
N VAL D 226 -5.52 13.39 21.28
CA VAL D 226 -4.18 13.70 21.74
C VAL D 226 -3.23 12.68 21.12
N GLU D 227 -2.22 13.17 20.40
CA GLU D 227 -1.14 12.34 19.90
C GLU D 227 0.05 12.53 20.83
N LYS D 228 0.35 11.52 21.64
CA LYS D 228 1.45 11.58 22.59
C LYS D 228 2.49 10.53 22.21
N GLU D 229 3.70 10.98 21.87
CA GLU D 229 4.72 10.09 21.33
C GLU D 229 4.09 9.32 20.18
N THR D 230 4.13 7.99 20.21
CA THR D 230 3.54 7.20 19.14
C THR D 230 2.11 6.75 19.47
N GLU D 231 1.56 7.19 20.59
CA GLU D 231 0.19 6.83 20.98
C GLU D 231 -0.78 7.93 20.59
N VAL D 232 -2.05 7.54 20.43
CA VAL D 232 -3.13 8.47 20.13
C VAL D 232 -4.30 8.17 21.06
N TYR D 233 -4.90 9.22 21.59
CA TYR D 233 -6.06 9.10 22.47
C TYR D 233 -7.20 9.95 21.91
N PHE D 234 -8.35 9.34 21.71
CA PHE D 234 -9.55 10.04 21.27
C PHE D 234 -10.45 10.31 22.47
N PHE D 235 -10.97 11.53 22.58
CA PHE D 235 -11.81 11.88 23.71
C PHE D 235 -13.02 12.70 23.26
N ALA D 236 -14.12 12.52 23.98
CA ALA D 236 -15.33 13.33 23.80
C ALA D 236 -15.94 13.56 25.18
N PHE D 237 -16.22 14.83 25.50
CA PHE D 237 -16.84 15.21 26.76
C PHE D 237 -18.10 16.02 26.48
N ASN D 238 -19.15 15.79 27.27
CA ASN D 238 -20.27 16.72 27.29
C ASN D 238 -20.89 16.71 28.67
N MET D 239 -21.66 17.77 28.95
CA MET D 239 -22.25 18.00 30.25
C MET D 239 -23.53 18.81 30.09
N ASP D 240 -24.44 18.63 31.04
CA ASP D 240 -25.65 19.45 31.07
C ASP D 240 -25.34 20.77 31.73
N ILE D 241 -25.76 21.87 31.10
CA ILE D 241 -25.55 23.21 31.64
C ILE D 241 -26.91 23.81 31.92
N ASP D 242 -27.25 23.94 33.21
CA ASP D 242 -28.40 24.72 33.65
C ASP D 242 -27.97 25.85 34.58
N ASN D 243 -26.68 26.18 34.61
CA ASN D 243 -26.16 27.35 35.31
C ASN D 243 -24.86 27.73 34.64
N GLU D 244 -24.75 28.99 34.22
CA GLU D 244 -23.61 29.40 33.40
C GLU D 244 -22.28 29.19 34.11
N SER D 245 -22.28 29.22 35.45
CA SER D 245 -21.02 29.18 36.18
C SER D 245 -20.37 27.80 36.17
N LYS D 246 -21.10 26.76 35.77
CA LYS D 246 -20.53 25.42 35.68
C LYS D 246 -19.76 25.19 34.39
N LEU D 247 -19.83 26.12 33.43
CA LEU D 247 -19.18 25.90 32.14
C LEU D 247 -17.68 25.69 32.23
N PRO D 248 -16.94 26.34 33.14
CA PRO D 248 -15.49 26.05 33.24
C PRO D 248 -15.20 24.58 33.52
N LEU D 249 -16.14 23.85 34.13
CA LEU D 249 -15.93 22.43 34.41
C LEU D 249 -15.83 21.60 33.14
N ARG D 250 -16.34 22.11 32.01
CA ARG D 250 -16.25 21.38 30.75
C ARG D 250 -14.80 21.12 30.35
N LYS D 251 -13.87 21.95 30.82
CA LYS D 251 -12.46 21.75 30.56
C LYS D 251 -11.73 21.10 31.73
N SER D 252 -12.05 21.49 32.96
CA SER D 252 -11.26 21.04 34.11
C SER D 252 -11.55 19.59 34.47
N ILE D 253 -12.80 19.15 34.33
CA ILE D 253 -13.16 17.77 34.67
C ILE D 253 -12.41 16.82 33.74
N PRO D 254 -12.59 16.93 32.42
CA PRO D 254 -11.82 16.04 31.52
C PRO D 254 -10.31 16.23 31.65
N THR D 255 -9.85 17.47 31.85
CA THR D 255 -8.43 17.69 32.07
C THR D 255 -7.92 16.89 33.26
N LYS D 256 -8.68 16.88 34.36
CA LYS D 256 -8.26 16.13 35.54
C LYS D 256 -8.21 14.64 35.26
N ILE D 257 -9.19 14.11 34.51
CA ILE D 257 -9.18 12.69 34.20
C ILE D 257 -7.98 12.34 33.33
N MET D 258 -7.67 13.18 32.34
CA MET D 258 -6.55 12.89 31.45
C MET D 258 -5.21 13.07 32.17
N GLU D 259 -5.16 13.95 33.16
CA GLU D 259 -3.96 14.03 34.01
C GLU D 259 -3.81 12.75 34.82
N SER D 260 -4.90 12.26 35.40
CA SER D 260 -4.83 11.05 36.22
C SER D 260 -4.48 9.83 35.36
N GLU D 261 -4.81 9.86 34.08
CA GLU D 261 -4.40 8.79 33.17
C GLU D 261 -2.95 8.93 32.72
N GLY D 262 -2.29 10.02 33.08
CA GLY D 262 -0.92 10.24 32.66
C GLY D 262 -0.76 10.66 31.22
N ILE D 263 -1.84 11.10 30.58
CA ILE D 263 -1.74 11.58 29.21
C ILE D 263 -1.14 12.99 29.19
N ILE D 264 -1.60 13.85 30.09
CA ILE D 264 -1.05 15.20 30.22
C ILE D 264 0.16 15.13 31.14
N GLY D 265 1.30 15.58 30.65
CA GLY D 265 2.52 15.59 31.44
C GLY D 265 3.25 14.26 31.42
C1 MER E . 20.31 18.67 12.42
C1 MER E . 20.31 18.72 12.41
C2 MER E . 20.75 19.46 16.22
C2 MER E . 20.36 19.07 16.54
C3 MER E . 21.16 17.92 13.51
C3 MER E . 21.14 17.93 13.48
C4 MER E . 20.36 17.70 14.69
C4 MER E . 20.28 17.65 14.61
C5 MER E . 19.43 19.64 15.62
C5 MER E . 19.61 19.69 15.44
O6 MER E . 20.72 19.67 11.92
O6 MER E . 20.76 19.67 11.88
C7 MER E . 21.57 16.55 12.89
C7 MER E . 21.58 16.60 12.80
O8 MER E . 21.64 15.56 13.87
O8 MER E . 21.64 15.56 13.73
C9 MER E . 22.91 16.68 12.22
C9 MER E . 22.94 16.81 12.17
N10 MER E . 19.20 18.56 14.62
N10 MER E . 19.18 18.59 14.56
C11 MER E . 18.72 20.99 15.58
C11 MER E . 18.86 21.02 15.61
O12 MER E . 17.82 21.27 16.43
O12 MER E . 19.14 22.01 14.88
O13 MER E . 19.05 21.86 14.73
O13 MER E . 17.98 21.15 16.50
S14 MER E . 21.26 20.50 17.62
S14 MER E . 21.30 20.12 17.67
C15 MER E . 20.97 19.48 19.23
C15 MER E . 20.43 20.19 19.37
C16 MER E . 21.66 19.98 20.18
C16 MER E . 19.66 19.24 19.76
C17 MER E . 20.80 19.74 21.58
C17 MER E . 19.55 19.61 21.38
C18 MER E . 21.15 18.16 16.09
C18 MER E . 20.94 17.91 16.11
N19 MER E . 19.55 19.52 21.26
N19 MER E . 20.82 19.74 21.77
C20 MER E . 22.67 18.05 16.02
C20 MER E . 22.46 18.05 16.12
C21 MER E . 19.46 19.64 19.72
C21 MER E . 21.58 20.08 20.49
C22 MER E . 20.89 20.99 22.45
C22 MER E . 18.92 18.62 22.34
N23 MER E . 22.07 21.28 23.25
N23 MER E . 17.47 18.58 22.49
O24 MER E . 19.99 21.75 22.48
O24 MER E . 19.57 17.91 23.03
C25 MER E . 22.12 22.47 24.07
C25 MER E . 16.89 17.64 23.41
C26 MER E . 23.20 20.37 23.25
C26 MER E . 16.62 19.44 21.67
H1 MER E . 19.49 18.34 12.17
H1 MER E . 19.45 18.43 12.18
H3 MER E . 21.94 18.43 13.76
H3 MER E . 21.90 18.43 13.80
H4 MER E . 20.12 16.76 14.77
H4 MER E . 20.04 16.71 14.57
H7 MER E . 20.89 16.28 12.24
H7 MER E . 20.92 16.37 12.12
HO8 MER E . 21.53 14.80 13.52
HO8 MER E . 21.41 14.85 13.35
H9 MER E . 23.02 15.98 11.55
H9 MER E . 23.06 16.18 11.44
H9A MER E . 23.62 16.61 12.88
H9A MER E . 23.64 16.66 12.84
H9B MER E . 22.97 17.55 11.78
H9B MER E . 23.01 17.72 11.84
HN10 MER E . 18.51 18.47 14.12
HN10 MER E . 18.44 18.52 14.12
H15 MER E . 21.18 18.56 19.08
H15 MER E . 19.87 20.98 19.34
H16 MER E . 21.81 20.92 20.04
H16 MER E . 20.07 18.37 19.61
H16A MER E . 22.52 19.51 20.24
H16A MER E . 18.79 19.27 19.33
H17 MER E . 21.15 18.95 22.03
H17 MER E . 19.01 20.40 21.39
H18 MER E . 20.86 17.60 16.84
H18 MER E . 20.70 17.15 16.67
HN19 MER E . 19.32 18.70 21.50
HN19 MER E . 20.89 20.41 22.36
H20 MER E . 22.91 17.28 15.50
H20 MER E . 22.85 17.36 15.57
H20A MER E . 23.04 18.84 15.62
H20A MER E . 22.71 18.92 15.77
H20B MER E . 23.03 17.95 16.93
H20B MER E . 22.79 17.97 17.03
H21 MER E . 18.91 18.93 19.36
H21 MER E . 22.06 20.93 20.58
H21A MER E . 19.11 20.50 19.46
H21A MER E . 22.21 19.38 20.26
H25 MER E . 22.35 23.23 23.51
H25 MER E . 17.02 17.96 24.33
H25A MER E . 21.25 22.63 24.47
H25A MER E . 15.94 17.56 23.24
H25B MER E . 22.79 22.36 24.76
H25B MER E . 17.31 16.77 23.31
H26 MER E . 23.96 20.79 23.68
H26 MER E . 16.92 19.41 20.75
H26A MER E . 22.96 19.55 23.72
H26A MER E . 16.69 20.35 22.01
H26B MER E . 23.43 20.15 22.32
H26B MER E . 15.71 19.13 21.73
S SO4 F . 20.87 13.75 24.67
O1 SO4 F . 21.49 15.04 24.40
O2 SO4 F . 19.60 13.66 23.95
O3 SO4 F . 20.63 13.61 26.11
O4 SO4 F . 21.76 12.67 24.22
C1 MER G . -4.58 -8.69 -28.91
C2 MER G . -7.47 -10.78 -30.12
C3 MER G . -6.03 -8.24 -29.28
C4 MER G . -7.02 -9.02 -28.61
C5 MER G . -6.63 -11.28 -29.02
O6 MER G . -3.66 -8.27 -29.54
C7 MER G . -6.17 -6.78 -28.77
O8 MER G . -7.46 -6.48 -28.33
C9 MER G . -5.82 -5.80 -29.87
N10 MER G . -6.47 -10.22 -28.00
C11 MER G . -5.82 -12.58 -29.07
O12 MER G . -6.26 -13.62 -28.49
O13 MER G . -4.73 -12.65 -29.70
S14 MER G . -8.21 -11.97 -31.24
C15 MER G . -9.97 -12.33 -30.57
C16 MER G . -10.69 -12.82 -31.51
C17 MER G . -11.74 -13.87 -30.78
C18 MER G . -8.12 -9.64 -29.71
N19 MER G . -11.26 -14.20 -29.61
C20 MER G . -8.42 -8.75 -30.91
C21 MER G . -9.92 -13.46 -29.46
C22 MER G . -11.83 -15.15 -31.64
N23 MER G . -12.62 -15.20 -32.86
O24 MER G . -11.25 -16.12 -31.29
C25 MER G . -12.67 -16.43 -33.63
C26 MER G . -13.34 -14.04 -33.32
H1 MER G . -4.43 -9.28 -28.21
H3 MER G . -6.15 -8.33 -30.24
H4 MER G . -7.44 -8.48 -27.93
H7 MER G . -5.57 -6.70 -28.02
HO8 MER G . -7.42 -5.84 -27.77
H9 MER G . -5.51 -4.97 -29.48
H9A MER G . -5.13 -6.18 -30.43
H9B MER G . -6.61 -5.62 -30.41
HN10 MER G . -6.12 -10.30 -27.23
H15 MER G . -10.37 -11.52 -30.21
H16 MER G . -11.19 -12.10 -31.94
H16A MER G . -10.13 -13.28 -32.15
H17 MER G . -12.60 -13.43 -30.68
H18 MER G . -8.97 -9.79 -29.26
HN19 MER G . -11.12 -15.08 -29.59
H20 MER G . -7.78 -8.93 -31.62
H20A MER G . -8.34 -7.81 -30.65
H20B MER G . -9.32 -8.92 -31.22
H21 MER G . -9.18 -14.08 -29.63
H21A MER G . -9.84 -13.07 -28.58
H25 MER G . -11.89 -16.48 -34.21
H25A MER G . -13.47 -16.44 -34.17
H25B MER G . -12.66 -17.19 -33.03
H26 MER G . -13.65 -14.19 -34.23
H26A MER G . -12.77 -13.26 -33.29
H26B MER G . -14.12 -13.89 -32.75
S SO4 H . 8.42 4.93 -10.59
O1 SO4 H . 8.62 6.37 -10.76
O2 SO4 H . 7.03 4.67 -10.23
O3 SO4 H . 8.74 4.24 -11.84
O4 SO4 H . 9.32 4.45 -9.53
S SO4 I . -17.47 -11.85 -28.10
O1 SO4 I . -17.85 -10.44 -28.23
O2 SO4 I . -18.66 -12.64 -27.78
O3 SO4 I . -16.89 -12.31 -29.35
O4 SO4 I . -16.49 -11.98 -27.02
C1 MER J . 2.08 -38.76 -0.93
C2 MER J . 0.18 -41.72 -3.06
C3 MER J . 2.72 -40.08 -1.45
C4 MER J . 2.12 -40.31 -2.74
C5 MER J . -0.24 -40.32 -2.85
O6 MER J . 1.87 -38.60 0.20
C7 MER J . 4.26 -39.92 -1.61
O8 MER J . 4.54 -38.84 -2.44
C9 MER J . 4.86 -41.18 -2.22
N10 MER J . 0.96 -39.47 -2.99
C11 MER J . -1.63 -39.83 -3.30
O12 MER J . -2.10 -40.15 -4.43
O13 MER J . -2.33 -39.11 -2.54
S14 MER J . -0.86 -42.87 -3.98
C15 MER J . -0.22 -42.86 -5.79
C16 MER J . -1.16 -43.30 -6.53
C17 MER J . -1.85 -42.00 -7.29
C18 MER J . 1.53 -41.85 -2.98
N19 MER J . -1.33 -40.92 -6.78
C20 MER J . 1.82 -42.85 -1.86
C21 MER J . 0.05 -41.37 -6.26
C22 MER J . -3.37 -42.00 -7.10
N23 MER J . -4.19 -43.09 -7.60
O24 MER J . -3.90 -41.08 -6.54
C25 MER J . -5.62 -43.08 -7.42
C26 MER J . -3.57 -44.21 -8.28
H1 MER J . 1.88 -38.08 -1.53
H3 MER J . 2.56 -40.81 -0.84
H4 MER J . 2.82 -40.14 -3.39
H7 MER J . 4.63 -39.77 -0.73
HO8 MER J . 5.38 -38.71 -2.47
H9 MER J . 4.73 -41.91 -1.61
H9A MER J . 5.80 -41.03 -2.36
H9B MER J . 4.42 -41.37 -3.06
HN10 MER J . 0.98 -38.62 -3.18
H15 MER J . 0.59 -43.38 -5.89
H16 MER J . -1.82 -43.76 -6.00
H16A MER J . -0.78 -43.90 -7.20
H17 MER J . -1.64 -42.04 -8.25
H18 MER J . 1.96 -42.16 -3.80
HN19 MER J . -1.82 -40.63 -6.10
H20 MER J . 2.76 -42.84 -1.66
H20A MER J . 1.56 -43.73 -2.14
H20B MER J . 1.31 -42.60 -1.07
H21 MER J . 0.33 -40.81 -5.51
H21A MER J . 0.71 -41.34 -6.98
H25 MER J . -6.04 -42.64 -8.18
H25A MER J . -5.94 -43.99 -7.36
H25B MER J . -5.85 -42.60 -6.60
H26 MER J . -4.24 -44.72 -8.74
H26A MER J . -2.91 -43.88 -8.92
H26B MER J . -3.12 -44.78 -7.63
S SO4 K . -33.00 -35.41 2.67
O1 SO4 K . -32.84 -34.19 1.89
O2 SO4 K . -34.38 -35.50 3.14
O3 SO4 K . -32.69 -36.58 1.84
O4 SO4 K . -32.09 -35.38 3.81
C1 MER L . -20.37 27.46 19.50
C2 MER L . -19.19 29.35 23.44
C3 MER L . -20.52 28.83 20.24
C4 MER L . -19.41 29.07 21.11
C5 MER L . -18.51 28.13 23.02
O6 MER L . -20.68 26.44 20.01
C7 MER L . -20.70 29.84 19.06
O8 MER L . -20.79 31.12 19.57
C9 MER L . -21.97 29.46 18.33
N10 MER L . -18.95 27.81 21.66
C11 MER L . -17.84 27.14 23.99
O12 MER L . -18.08 25.91 23.94
O13 MER L . -17.04 27.57 24.88
S14 MER L . -19.22 29.89 25.16
C15 MER L . -17.95 31.32 25.33
C16 MER L . -17.55 31.37 26.54
C17 MER L . -16.02 30.73 26.57
C18 MER L . -19.91 29.94 22.45
N19 MER L . -15.81 30.17 25.42
C20 MER L . -21.38 29.91 22.87
C21 MER L . -16.67 30.99 24.44
C22 MER L . -15.93 29.70 27.69
N23 MER L . -15.96 30.11 29.08
O24 MER L . -15.83 28.55 27.41
C25 MER L . -15.86 29.13 30.14
C26 MER L . -16.08 31.52 29.40
H1 MER L . -20.02 27.44 18.64
H3 MER L . -21.27 28.90 20.85
H4 MER L . -18.69 29.53 20.65
H7 MER L . -19.94 29.80 18.46
HO8 MER L . -20.05 31.53 19.44
H9 MER L . -21.86 28.60 17.90
H9A MER L . -22.71 29.39 18.97
H9B MER L . -22.18 30.12 17.67
HN10 MER L . -18.94 27.04 21.27
H15 MER L . -18.32 32.18 25.06
H16 MER L . -17.53 32.30 26.84
H16A MER L . -18.14 30.85 27.09
H17 MER L . -15.37 31.44 26.70
H18 MER L . -19.71 30.87 22.22
HN19 MER L . -14.96 30.23 25.20
H20 MER L . -21.67 29.00 22.98
H20A MER L . -21.92 30.34 22.18
H20B MER L . -21.48 30.39 23.71
H21 MER L . -16.21 31.80 24.17
H21A MER L . -16.92 30.46 23.66
H25 MER L . -15.01 28.68 30.08
H25A MER L . -15.94 29.58 31.00
H25B MER L . -16.58 28.49 30.04
H26 MER L . -16.00 31.64 30.36
H26A MER L . -15.37 32.02 28.97
H26B MER L . -16.94 31.85 29.10
S SO4 M . -12.68 30.22 24.07
O1 SO4 M . -12.45 31.47 23.37
O2 SO4 M . -13.26 30.50 25.38
O3 SO4 M . -13.61 29.39 23.30
O4 SO4 M . -11.43 29.50 24.24
#